data_4J0A
#
_entry.id   4J0A
#
_cell.length_a   106.630
_cell.length_b   107.910
_cell.length_c   135.020
_cell.angle_alpha   90.00
_cell.angle_beta   90.00
_cell.angle_gamma   90.00
#
_symmetry.space_group_name_H-M   'P 21 21 21'
#
loop_
_entity.id
_entity.type
_entity.pdbx_description
1 polymer 'Genome polyprotein'
2 non-polymer '2-{[(4-methylphenyl)sulfonyl]amino}-4-phenoxybenzoic acid'
3 water water
#
_entity_poly.entity_id   1
_entity_poly.type   'polypeptide(L)'
_entity_poly.pdbx_seq_one_letter_code
;SMSYTWTGALITPCAAEESKLPINPLSNSLLRHHNMVYATTSRSASLRQKKVTFDRLQVLDDHYRDVLKEMKAKASTVKA
KLLSIEEACKLTPPHSAKSKFGYGAKDVRNLSSRAVNHIRSVWEDLLEDTETPIDTTIMAKSEVFCVQPEKGGRKPARLI
VFPDLGVRVCEKMALYDVVSTLPQAVMGSSYGFQYSPKQRVEFLVNTWKSKKCPMGFSYDTRCFDSTVTESDIRVEESIY
QCCDLAPEARQAIRSLTERLYIGGPLTNSKGQNCGYRRCRASGVLTTSCGNTLTCYLKATAACRAAKLQDCTMLVNGDDL
VVICESAGTQEDAAALRAFTEAMTRYSAPPGDPPQPEYDLELITSCSSNVSVAHDASGKRVYYLTRDPTTPLARAAWETA
RHTPINSWLGNIIMYAPTLWARMILMTHFFSILLAQEQLEKALDCQIYGACYSIEPLDLPQIIERLHGLSAFTLHSYSPG
EINRVASCLRKLGVPPLRTWRHRARSVRAKLLSQGGRAATCGRYLFNWAVRTKLKLTPIPAASQLDLSGWFVAGYSGGDI
YHSLSRARPRHHHHHH
;
_entity_poly.pdbx_strand_id   A,B
#
loop_
_chem_comp.id
_chem_comp.type
_chem_comp.name
_chem_comp.formula
1JL non-polymer '2-{[(4-methylphenyl)sulfonyl]amino}-4-phenoxybenzoic acid' 'C20 H17 N O5 S'
#
# COMPACT_ATOMS: atom_id res chain seq x y z
N SER A 1 -25.59 2.26 1.85
CA SER A 1 -26.47 3.42 1.58
C SER A 1 -27.09 3.34 0.19
N MET A 2 -27.93 4.32 -0.13
CA MET A 2 -28.59 4.35 -1.43
C MET A 2 -27.59 4.61 -2.56
N SER A 3 -27.63 3.73 -3.55
CA SER A 3 -26.73 3.85 -4.70
C SER A 3 -27.01 5.17 -5.40
N TYR A 4 -28.26 5.61 -5.32
CA TYR A 4 -28.67 6.86 -5.95
C TYR A 4 -29.76 7.62 -5.19
N THR A 5 -29.78 8.93 -5.35
CA THR A 5 -30.78 9.77 -4.73
C THR A 5 -31.27 10.61 -5.90
N TRP A 6 -32.58 10.82 -6.01
CA TRP A 6 -33.07 11.61 -7.14
C TRP A 6 -33.83 12.87 -6.74
N THR A 7 -33.44 14.00 -7.34
CA THR A 7 -34.08 15.28 -7.05
C THR A 7 -35.43 15.44 -7.74
N GLY A 8 -35.59 14.78 -8.88
CA GLY A 8 -36.83 14.89 -9.62
C GLY A 8 -36.58 15.35 -11.04
N ALA A 9 -35.57 16.20 -11.23
CA ALA A 9 -35.21 16.70 -12.57
C ALA A 9 -34.88 15.48 -13.42
N LEU A 10 -35.26 15.53 -14.68
CA LEU A 10 -35.03 14.40 -15.57
C LEU A 10 -33.70 14.33 -16.30
N ILE A 11 -33.33 13.10 -16.65
CA ILE A 11 -32.11 12.84 -17.41
C ILE A 11 -32.48 13.32 -18.81
N THR A 12 -31.79 14.36 -19.24
CA THR A 12 -32.05 15.00 -20.51
C THR A 12 -31.07 14.71 -21.63
N PRO A 13 -31.57 14.73 -22.87
CA PRO A 13 -30.73 14.48 -24.06
C PRO A 13 -30.04 15.78 -24.44
N CYS A 14 -28.84 15.70 -24.97
CA CYS A 14 -28.14 16.92 -25.36
C CYS A 14 -28.39 17.23 -26.83
N ALA A 15 -29.49 16.69 -27.36
CA ALA A 15 -29.88 16.89 -28.76
C ALA A 15 -30.89 15.80 -29.12
N ALA A 16 -31.57 15.96 -30.27
CA ALA A 16 -32.55 14.99 -30.72
C ALA A 16 -31.97 13.57 -30.74
N GLU A 17 -32.75 12.60 -30.27
CA GLU A 17 -32.30 11.22 -30.20
C GLU A 17 -33.03 10.37 -31.26
N GLU A 18 -32.25 9.57 -32.00
CA GLU A 18 -32.79 8.71 -33.06
C GLU A 18 -33.10 7.32 -32.52
N SER A 19 -34.36 6.94 -32.52
CA SER A 19 -34.71 5.62 -32.00
C SER A 19 -35.04 4.54 -33.04
N LYS A 20 -35.27 4.95 -34.28
CA LYS A 20 -35.58 3.98 -35.33
C LYS A 20 -34.54 3.93 -36.45
N LEU A 21 -34.44 2.76 -37.06
CA LEU A 21 -33.51 2.52 -38.15
C LEU A 21 -34.03 3.18 -39.40
N PRO A 22 -33.29 4.16 -39.92
CA PRO A 22 -33.64 4.90 -41.12
C PRO A 22 -33.83 3.93 -42.28
N ILE A 23 -34.98 3.99 -42.94
CA ILE A 23 -35.22 3.13 -44.11
C ILE A 23 -34.19 3.64 -45.12
N ASN A 24 -33.15 2.83 -45.30
CA ASN A 24 -32.04 3.19 -46.18
C ASN A 24 -31.83 2.15 -47.28
N PRO A 25 -31.18 2.54 -48.37
CA PRO A 25 -30.98 1.53 -49.43
C PRO A 25 -29.88 0.52 -49.14
N LEU A 26 -28.85 0.93 -48.41
CA LEU A 26 -27.75 0.02 -48.10
C LEU A 26 -28.01 -0.81 -46.85
N SER A 27 -28.95 -0.38 -46.03
CA SER A 27 -29.29 -1.11 -44.81
C SER A 27 -30.13 -2.33 -45.17
N ASN A 28 -31.05 -2.12 -46.10
CA ASN A 28 -31.96 -3.16 -46.52
C ASN A 28 -31.33 -4.42 -47.13
N SER A 29 -30.22 -4.27 -47.84
CA SER A 29 -29.62 -5.47 -48.41
C SER A 29 -28.98 -6.28 -47.29
N LEU A 30 -28.70 -5.61 -46.17
CA LEU A 30 -28.10 -6.28 -45.02
C LEU A 30 -29.16 -6.94 -44.13
N LEU A 31 -30.21 -6.20 -43.80
CA LEU A 31 -31.27 -6.70 -42.92
C LEU A 31 -32.63 -6.10 -43.34
N ARG A 32 -33.62 -6.97 -43.54
CA ARG A 32 -34.94 -6.55 -43.98
C ARG A 32 -35.92 -6.06 -42.92
N HIS A 33 -35.94 -6.70 -41.78
CA HIS A 33 -36.86 -6.30 -40.72
C HIS A 33 -36.32 -5.09 -39.94
N HIS A 34 -36.27 -3.94 -40.60
CA HIS A 34 -35.76 -2.71 -40.00
C HIS A 34 -36.50 -2.24 -38.75
N ASN A 35 -37.73 -2.71 -38.55
CA ASN A 35 -38.51 -2.33 -37.36
C ASN A 35 -38.08 -3.07 -36.11
N MET A 36 -37.21 -4.05 -36.27
CA MET A 36 -36.74 -4.81 -35.12
C MET A 36 -35.48 -4.19 -34.51
N VAL A 37 -34.89 -3.23 -35.22
CA VAL A 37 -33.66 -2.56 -34.76
C VAL A 37 -33.97 -1.17 -34.16
N TYR A 38 -33.52 -0.96 -32.92
CA TYR A 38 -33.76 0.29 -32.21
C TYR A 38 -32.58 0.78 -31.37
N ALA A 39 -32.57 2.07 -31.10
CA ALA A 39 -31.51 2.67 -30.30
C ALA A 39 -32.10 3.32 -29.07
N THR A 40 -31.59 2.96 -27.90
CA THR A 40 -32.06 3.51 -26.63
C THR A 40 -32.00 5.04 -26.60
N THR A 41 -32.90 5.66 -25.83
CA THR A 41 -32.94 7.13 -25.71
C THR A 41 -33.28 7.53 -24.29
N SER A 42 -33.19 8.82 -23.98
CA SER A 42 -33.47 9.27 -22.62
C SER A 42 -34.93 9.05 -22.25
N ARG A 43 -35.73 8.66 -23.22
CA ARG A 43 -37.13 8.44 -22.97
C ARG A 43 -37.35 7.21 -22.09
N SER A 44 -36.35 6.35 -22.01
CA SER A 44 -36.48 5.17 -21.14
C SER A 44 -35.58 5.32 -19.90
N ALA A 45 -35.03 6.51 -19.71
CA ALA A 45 -34.15 6.77 -18.57
C ALA A 45 -34.78 6.48 -17.22
N SER A 46 -36.08 6.78 -17.10
CA SER A 46 -36.84 6.56 -15.87
C SER A 46 -36.96 5.07 -15.49
N LEU A 47 -36.96 4.20 -16.49
CA LEU A 47 -37.05 2.76 -16.24
C LEU A 47 -35.75 2.25 -15.66
N ARG A 48 -34.64 2.69 -16.26
CA ARG A 48 -33.33 2.29 -15.81
C ARG A 48 -33.06 2.81 -14.41
N GLN A 49 -33.31 4.09 -14.19
CA GLN A 49 -33.10 4.66 -12.86
C GLN A 49 -33.76 3.81 -11.80
N LYS A 50 -35.00 3.39 -12.03
CA LYS A 50 -35.68 2.57 -11.05
C LYS A 50 -35.02 1.22 -10.82
N LYS A 51 -34.27 0.72 -11.80
CA LYS A 51 -33.63 -0.56 -11.63
C LYS A 51 -32.31 -0.45 -10.90
N VAL A 52 -31.55 0.61 -11.17
CA VAL A 52 -30.25 0.80 -10.54
C VAL A 52 -30.27 1.59 -9.22
N THR A 53 -31.45 1.81 -8.64
CA THR A 53 -31.54 2.56 -7.40
C THR A 53 -32.01 1.67 -6.26
N PHE A 54 -31.16 1.47 -5.27
CA PHE A 54 -31.53 0.62 -4.15
C PHE A 54 -30.52 0.76 -3.04
N ASP A 55 -30.88 0.26 -1.86
CA ASP A 55 -29.97 0.34 -0.71
C ASP A 55 -29.12 -0.92 -0.75
N ARG A 56 -27.81 -0.75 -0.74
CA ARG A 56 -26.90 -1.88 -0.80
C ARG A 56 -26.69 -2.55 0.55
N LEU A 57 -26.46 -3.86 0.52
CA LEU A 57 -26.25 -4.61 1.73
C LEU A 57 -24.88 -5.28 1.63
N GLN A 58 -24.01 -5.00 2.61
CA GLN A 58 -22.66 -5.58 2.59
C GLN A 58 -22.15 -6.11 3.92
N VAL A 59 -21.71 -7.37 3.91
CA VAL A 59 -21.19 -8.00 5.10
C VAL A 59 -19.87 -8.65 4.71
N LEU A 60 -18.77 -8.13 5.22
CA LEU A 60 -17.44 -8.66 4.91
C LEU A 60 -16.95 -9.73 5.90
N ASP A 61 -16.26 -10.75 5.40
CA ASP A 61 -15.75 -11.82 6.24
C ASP A 61 -14.24 -12.02 6.15
N ASP A 62 -13.75 -13.06 6.81
CA ASP A 62 -12.33 -13.38 6.81
C ASP A 62 -11.80 -13.76 5.43
N HIS A 63 -12.57 -14.53 4.66
CA HIS A 63 -12.11 -14.90 3.35
C HIS A 63 -11.87 -13.67 2.51
N TYR A 64 -12.80 -12.74 2.55
CA TYR A 64 -12.67 -11.51 1.80
C TYR A 64 -11.37 -10.83 2.19
N ARG A 65 -11.24 -10.48 3.47
CA ARG A 65 -10.03 -9.82 3.95
C ARG A 65 -8.77 -10.58 3.57
N ASP A 66 -8.84 -11.91 3.58
CA ASP A 66 -7.69 -12.69 3.21
C ASP A 66 -7.27 -12.46 1.77
N VAL A 67 -8.23 -12.52 0.85
CA VAL A 67 -7.93 -12.31 -0.56
C VAL A 67 -7.42 -10.90 -0.81
N LEU A 68 -7.99 -9.93 -0.10
CA LEU A 68 -7.57 -8.55 -0.25
C LEU A 68 -6.10 -8.44 0.10
N LYS A 69 -5.72 -9.00 1.23
CA LYS A 69 -4.33 -8.97 1.65
C LYS A 69 -3.43 -9.59 0.59
N GLU A 70 -3.84 -10.73 0.03
CA GLU A 70 -3.05 -11.36 -1.02
C GLU A 70 -2.92 -10.38 -2.19
N MET A 71 -4.03 -9.79 -2.61
CA MET A 71 -4.00 -8.83 -3.70
C MET A 71 -3.09 -7.65 -3.38
N LYS A 72 -3.20 -7.13 -2.15
CA LYS A 72 -2.37 -5.99 -1.75
C LYS A 72 -0.89 -6.30 -1.92
N ALA A 73 -0.53 -7.54 -1.58
CA ALA A 73 0.85 -7.97 -1.67
C ALA A 73 1.45 -7.91 -3.09
N LYS A 74 0.73 -8.42 -4.08
CA LYS A 74 1.23 -8.41 -5.45
C LYS A 74 1.23 -6.98 -5.95
N ALA A 75 0.27 -6.20 -5.48
CA ALA A 75 0.19 -4.79 -5.86
C ALA A 75 1.45 -4.07 -5.40
N SER A 76 1.94 -4.47 -4.23
CA SER A 76 3.13 -3.91 -3.59
C SER A 76 4.40 -3.90 -4.45
N THR A 77 4.42 -4.71 -5.50
CA THR A 77 5.56 -4.84 -6.38
C THR A 77 5.51 -3.79 -7.49
N VAL A 78 4.33 -3.21 -7.66
CA VAL A 78 4.08 -2.25 -8.71
C VAL A 78 4.67 -0.85 -8.55
N LYS A 79 5.12 -0.29 -9.66
CA LYS A 79 5.67 1.04 -9.66
C LYS A 79 5.04 1.88 -10.78
N ALA A 80 4.04 2.69 -10.41
CA ALA A 80 3.32 3.56 -11.35
C ALA A 80 4.11 4.83 -11.73
N LYS A 81 4.13 5.15 -13.02
CA LYS A 81 4.91 6.30 -13.48
C LYS A 81 4.37 7.74 -13.36
N LEU A 82 3.15 8.01 -13.79
CA LEU A 82 2.62 9.38 -13.76
C LEU A 82 2.91 10.01 -15.10
N LEU A 83 1.86 10.28 -15.86
CA LEU A 83 2.04 10.86 -17.17
C LEU A 83 2.08 12.38 -17.09
N SER A 84 2.75 12.99 -18.05
CA SER A 84 2.83 14.44 -18.13
C SER A 84 1.55 14.90 -18.81
N ILE A 85 1.24 16.18 -18.71
CA ILE A 85 0.04 16.68 -19.35
C ILE A 85 0.02 16.36 -20.85
N GLU A 86 1.19 16.41 -21.47
CA GLU A 86 1.30 16.13 -22.90
C GLU A 86 0.90 14.67 -23.21
N GLU A 87 1.48 13.73 -22.48
CA GLU A 87 1.17 12.33 -22.70
C GLU A 87 -0.31 12.09 -22.54
N ALA A 88 -0.86 12.55 -21.42
CA ALA A 88 -2.27 12.39 -21.12
C ALA A 88 -3.16 13.05 -22.17
N CYS A 89 -2.65 14.09 -22.83
CA CYS A 89 -3.41 14.80 -23.86
C CYS A 89 -3.45 13.98 -25.16
N LYS A 90 -2.36 13.29 -25.45
CA LYS A 90 -2.27 12.47 -26.66
C LYS A 90 -3.28 11.32 -26.57
N LEU A 91 -3.60 10.93 -25.34
CA LEU A 91 -4.53 9.84 -25.09
C LEU A 91 -5.99 10.23 -25.26
N THR A 92 -6.24 11.51 -25.37
CA THR A 92 -7.60 12.00 -25.52
C THR A 92 -8.17 11.85 -26.92
N PRO A 93 -9.31 11.17 -27.03
CA PRO A 93 -9.95 10.94 -28.33
C PRO A 93 -10.36 12.27 -28.96
N PRO A 94 -10.42 12.33 -30.30
CA PRO A 94 -10.80 13.55 -31.03
C PRO A 94 -12.27 13.89 -30.80
N HIS A 95 -13.08 12.88 -30.60
CA HIS A 95 -14.52 13.05 -30.38
C HIS A 95 -14.96 13.11 -28.92
N SER A 96 -13.99 13.27 -28.02
CA SER A 96 -14.26 13.32 -26.57
C SER A 96 -15.02 14.59 -26.21
N ALA A 97 -16.10 14.43 -25.45
CA ALA A 97 -16.92 15.56 -25.03
C ALA A 97 -16.13 16.79 -24.59
N LYS A 98 -16.39 17.92 -25.23
CA LYS A 98 -15.71 19.16 -24.90
C LYS A 98 -15.92 19.56 -23.43
N SER A 99 -15.06 20.44 -22.96
CA SER A 99 -15.13 20.92 -21.59
C SER A 99 -16.05 22.14 -21.49
N LYS A 100 -16.61 22.36 -20.30
CA LYS A 100 -17.50 23.48 -20.09
C LYS A 100 -16.66 24.72 -19.76
N PHE A 101 -15.34 24.59 -19.87
CA PHE A 101 -14.45 25.70 -19.57
C PHE A 101 -13.77 26.37 -20.79
N GLY A 102 -14.39 26.25 -21.96
CA GLY A 102 -13.87 26.91 -23.15
C GLY A 102 -12.98 26.16 -24.11
N TYR A 103 -13.05 24.84 -24.12
CA TYR A 103 -12.22 24.07 -25.05
C TYR A 103 -12.78 22.68 -25.22
N GLY A 104 -12.34 22.02 -26.29
CA GLY A 104 -12.81 20.67 -26.56
C GLY A 104 -11.67 19.72 -26.85
N ALA A 105 -12.01 18.56 -27.41
CA ALA A 105 -11.04 17.53 -27.74
C ALA A 105 -9.86 18.08 -28.52
N LYS A 106 -10.13 18.52 -29.75
CA LYS A 106 -9.09 19.09 -30.62
C LYS A 106 -8.07 19.93 -29.87
N ASP A 107 -8.55 20.94 -29.14
CA ASP A 107 -7.65 21.81 -28.39
C ASP A 107 -6.77 20.97 -27.49
N VAL A 108 -7.40 20.09 -26.71
CA VAL A 108 -6.64 19.22 -25.82
C VAL A 108 -5.53 18.53 -26.60
N ARG A 109 -5.88 17.82 -27.68
CA ARG A 109 -4.88 17.12 -28.48
C ARG A 109 -3.83 18.07 -29.09
N ASN A 110 -4.22 19.31 -29.33
CA ASN A 110 -3.30 20.31 -29.89
C ASN A 110 -2.43 21.00 -28.85
N LEU A 111 -2.70 20.74 -27.57
CA LEU A 111 -1.95 21.36 -26.47
C LEU A 111 -2.10 22.89 -26.44
N SER A 112 -3.24 23.38 -26.89
CA SER A 112 -3.47 24.83 -26.90
C SER A 112 -3.30 25.44 -25.50
N SER A 113 -2.80 26.67 -25.46
CA SER A 113 -2.56 27.38 -24.21
C SER A 113 -3.74 27.33 -23.24
N ARG A 114 -4.94 27.55 -23.74
CA ARG A 114 -6.11 27.52 -22.86
C ARG A 114 -6.48 26.13 -22.36
N ALA A 115 -6.23 25.11 -23.17
CA ALA A 115 -6.54 23.76 -22.76
C ALA A 115 -5.61 23.36 -21.61
N VAL A 116 -4.31 23.44 -21.85
CA VAL A 116 -3.33 23.09 -20.84
C VAL A 116 -3.42 23.91 -19.54
N ASN A 117 -3.66 25.21 -19.64
CA ASN A 117 -3.74 26.05 -18.44
C ASN A 117 -4.85 25.61 -17.51
N HIS A 118 -6.02 25.30 -18.07
CA HIS A 118 -7.14 24.87 -17.24
C HIS A 118 -6.85 23.50 -16.64
N ILE A 119 -6.39 22.57 -17.48
CA ILE A 119 -6.08 21.22 -17.03
C ILE A 119 -5.07 21.27 -15.91
N ARG A 120 -4.16 22.22 -15.96
CA ARG A 120 -3.15 22.33 -14.89
C ARG A 120 -3.80 22.79 -13.59
N SER A 121 -4.71 23.76 -13.68
CA SER A 121 -5.42 24.29 -12.50
C SER A 121 -6.34 23.23 -11.86
N VAL A 122 -6.90 22.34 -12.67
CA VAL A 122 -7.73 21.28 -12.14
C VAL A 122 -6.85 20.33 -11.35
N TRP A 123 -5.63 20.10 -11.83
CA TRP A 123 -4.70 19.20 -11.14
C TRP A 123 -4.22 19.84 -9.83
N GLU A 124 -3.80 21.10 -9.89
CA GLU A 124 -3.36 21.82 -8.71
C GLU A 124 -4.44 21.71 -7.66
N ASP A 125 -5.69 21.86 -8.12
CA ASP A 125 -6.87 21.79 -7.27
C ASP A 125 -7.05 20.41 -6.62
N LEU A 126 -6.82 19.35 -7.39
CA LEU A 126 -6.91 18.00 -6.86
C LEU A 126 -5.89 17.83 -5.73
N LEU A 127 -4.75 18.50 -5.85
CA LEU A 127 -3.70 18.41 -4.84
C LEU A 127 -4.04 19.20 -3.57
N GLU A 128 -4.81 20.27 -3.74
CA GLU A 128 -5.20 21.11 -2.60
C GLU A 128 -6.52 20.74 -1.94
N ASP A 129 -7.52 20.40 -2.75
CA ASP A 129 -8.82 20.05 -2.23
C ASP A 129 -8.94 18.55 -2.14
N THR A 130 -9.23 18.06 -0.95
CA THR A 130 -9.35 16.63 -0.73
C THR A 130 -10.77 16.25 -0.39
N GLU A 131 -11.66 17.22 -0.42
CA GLU A 131 -13.04 16.95 -0.04
C GLU A 131 -14.15 17.29 -1.01
N THR A 132 -14.07 18.45 -1.64
CA THR A 132 -15.12 18.88 -2.54
C THR A 132 -15.54 17.92 -3.64
N PRO A 133 -16.78 17.40 -3.54
CA PRO A 133 -17.32 16.46 -4.53
C PRO A 133 -17.27 17.07 -5.93
N ILE A 134 -16.57 16.39 -6.82
CA ILE A 134 -16.41 16.83 -8.20
C ILE A 134 -17.72 16.65 -8.98
N ASP A 135 -18.10 17.65 -9.76
CA ASP A 135 -19.34 17.56 -10.52
C ASP A 135 -19.25 16.59 -11.69
N THR A 136 -20.36 15.89 -11.94
CA THR A 136 -20.48 14.94 -13.04
C THR A 136 -21.76 15.19 -13.85
N THR A 137 -21.78 14.69 -15.07
CA THR A 137 -22.94 14.84 -15.93
C THR A 137 -23.43 13.43 -16.16
N ILE A 138 -24.74 13.24 -16.07
CA ILE A 138 -25.35 11.94 -16.29
C ILE A 138 -26.17 12.10 -17.57
N MET A 139 -26.01 11.16 -18.49
CA MET A 139 -26.71 11.15 -19.78
C MET A 139 -27.22 9.74 -20.05
N ALA A 140 -28.23 9.63 -20.90
CA ALA A 140 -28.75 8.31 -21.24
C ALA A 140 -27.94 7.87 -22.45
N LYS A 141 -27.35 6.69 -22.37
CA LYS A 141 -26.54 6.14 -23.44
C LYS A 141 -27.41 5.69 -24.60
N SER A 142 -26.94 5.94 -25.82
CA SER A 142 -27.64 5.54 -27.02
C SER A 142 -27.00 4.28 -27.62
N GLU A 143 -27.61 3.11 -27.36
CA GLU A 143 -27.11 1.84 -27.88
C GLU A 143 -28.13 1.11 -28.76
N VAL A 144 -27.65 0.32 -29.72
CA VAL A 144 -28.53 -0.39 -30.64
C VAL A 144 -28.70 -1.86 -30.35
N PHE A 145 -29.95 -2.33 -30.44
CA PHE A 145 -30.28 -3.73 -30.18
C PHE A 145 -31.35 -4.20 -31.15
N CYS A 146 -31.85 -5.42 -30.90
CA CYS A 146 -32.93 -6.02 -31.69
C CYS A 146 -34.00 -6.44 -30.70
N VAL A 147 -35.21 -5.94 -30.91
CA VAL A 147 -36.33 -6.28 -30.04
C VAL A 147 -36.25 -7.76 -29.65
N GLN A 148 -36.63 -8.07 -28.41
CA GLN A 148 -36.60 -9.44 -27.92
C GLN A 148 -38.03 -9.97 -27.73
N PRO A 149 -38.20 -11.30 -27.82
CA PRO A 149 -39.49 -12.01 -27.68
C PRO A 149 -40.32 -11.71 -26.41
N ARG A 154 -37.81 -4.66 -25.23
CA ARG A 154 -36.70 -3.66 -25.45
C ARG A 154 -36.02 -3.31 -24.13
N LYS A 155 -34.73 -3.00 -24.22
CA LYS A 155 -33.95 -2.65 -23.06
C LYS A 155 -33.94 -1.14 -22.79
N PRO A 156 -34.11 -0.74 -21.51
CA PRO A 156 -34.08 0.70 -21.22
C PRO A 156 -32.62 1.16 -21.43
N ALA A 157 -32.39 2.43 -21.70
CA ALA A 157 -31.03 2.91 -21.93
C ALA A 157 -30.13 2.79 -20.71
N ARG A 158 -28.84 2.78 -20.96
CA ARG A 158 -27.86 2.70 -19.89
C ARG A 158 -27.57 4.14 -19.41
N LEU A 159 -27.21 4.30 -18.15
CA LEU A 159 -26.92 5.63 -17.61
C LEU A 159 -25.42 5.83 -17.45
N ILE A 160 -24.87 6.85 -18.11
CA ILE A 160 -23.44 7.10 -18.00
C ILE A 160 -23.16 8.38 -17.22
N VAL A 161 -22.15 8.30 -16.37
CA VAL A 161 -21.74 9.42 -15.52
C VAL A 161 -20.26 9.72 -15.74
N PHE A 162 -19.97 10.90 -16.25
CA PHE A 162 -18.58 11.28 -16.50
C PHE A 162 -18.27 12.68 -15.99
N PRO A 163 -17.01 12.97 -15.72
CA PRO A 163 -16.68 14.31 -15.24
C PRO A 163 -16.23 15.14 -16.43
N ASP A 164 -15.86 16.38 -16.19
CA ASP A 164 -15.40 17.29 -17.24
C ASP A 164 -14.14 16.76 -17.92
N LEU A 165 -13.80 17.33 -19.07
CA LEU A 165 -12.62 16.93 -19.83
C LEU A 165 -11.33 17.26 -19.09
N GLY A 166 -11.36 18.36 -18.34
CA GLY A 166 -10.19 18.76 -17.58
C GLY A 166 -9.87 17.68 -16.55
N VAL A 167 -10.89 17.26 -15.80
CA VAL A 167 -10.73 16.22 -14.79
C VAL A 167 -10.31 14.90 -15.42
N ARG A 168 -10.89 14.58 -16.58
CA ARG A 168 -10.56 13.36 -17.28
C ARG A 168 -9.08 13.29 -17.65
N VAL A 169 -8.50 14.41 -18.07
CA VAL A 169 -7.09 14.38 -18.40
C VAL A 169 -6.23 14.18 -17.14
N CYS A 170 -6.59 14.83 -16.03
CA CYS A 170 -5.81 14.66 -14.81
C CYS A 170 -5.87 13.21 -14.34
N GLU A 171 -6.99 12.54 -14.58
CA GLU A 171 -7.11 11.13 -14.17
C GLU A 171 -6.06 10.35 -14.94
N LYS A 172 -5.87 10.71 -16.20
CA LYS A 172 -4.89 10.01 -17.01
C LYS A 172 -3.50 10.22 -16.45
N MET A 173 -3.21 11.45 -16.05
CA MET A 173 -1.90 11.79 -15.52
C MET A 173 -1.53 10.99 -14.30
N ALA A 174 -2.48 10.88 -13.38
CA ALA A 174 -2.25 10.18 -12.13
C ALA A 174 -2.54 8.69 -12.09
N LEU A 175 -3.41 8.21 -12.96
CA LEU A 175 -3.78 6.80 -12.93
C LEU A 175 -3.70 5.94 -14.20
N TYR A 176 -3.28 6.50 -15.33
CA TYR A 176 -3.23 5.71 -16.55
C TYR A 176 -2.34 4.50 -16.38
N ASP A 177 -1.09 4.74 -15.96
CA ASP A 177 -0.14 3.66 -15.78
C ASP A 177 -0.67 2.64 -14.76
N VAL A 178 -1.25 3.13 -13.67
CA VAL A 178 -1.81 2.24 -12.65
C VAL A 178 -2.85 1.26 -13.24
N VAL A 179 -3.89 1.79 -13.87
CA VAL A 179 -4.92 0.96 -14.46
C VAL A 179 -4.45 0.13 -15.66
N SER A 180 -3.22 0.36 -16.12
CA SER A 180 -2.67 -0.38 -17.25
C SER A 180 -1.76 -1.53 -16.85
N THR A 181 -1.15 -1.42 -15.66
CA THR A 181 -0.24 -2.45 -15.20
C THR A 181 -0.70 -3.22 -13.96
N LEU A 182 -1.28 -2.54 -12.99
CA LEU A 182 -1.69 -3.21 -11.76
C LEU A 182 -2.65 -4.40 -11.88
N PRO A 183 -3.66 -4.34 -12.77
CA PRO A 183 -4.52 -5.52 -12.84
C PRO A 183 -3.76 -6.82 -13.09
N GLN A 184 -2.88 -6.79 -14.09
CA GLN A 184 -2.08 -7.97 -14.46
C GLN A 184 -1.12 -8.41 -13.36
N ALA A 185 -0.43 -7.45 -12.74
CA ALA A 185 0.49 -7.79 -11.68
C ALA A 185 -0.28 -8.40 -10.53
N VAL A 186 -1.51 -7.92 -10.31
CA VAL A 186 -2.33 -8.42 -9.22
C VAL A 186 -3.12 -9.69 -9.50
N MET A 187 -3.83 -9.72 -10.62
CA MET A 187 -4.67 -10.87 -10.92
C MET A 187 -4.07 -11.97 -11.77
N GLY A 188 -2.89 -11.74 -12.32
CA GLY A 188 -2.27 -12.78 -13.12
C GLY A 188 -2.98 -13.21 -14.39
N SER A 189 -3.03 -14.51 -14.61
CA SER A 189 -3.65 -15.04 -15.81
C SER A 189 -5.18 -14.90 -15.72
N SER A 190 -5.66 -14.34 -14.63
CA SER A 190 -7.10 -14.16 -14.45
C SER A 190 -7.61 -12.90 -15.12
N TYR A 191 -6.72 -11.92 -15.29
CA TYR A 191 -7.06 -10.65 -15.94
C TYR A 191 -7.34 -10.90 -17.42
N GLY A 192 -8.62 -10.96 -17.75
CA GLY A 192 -9.05 -11.22 -19.11
C GLY A 192 -8.64 -10.28 -20.22
N PHE A 193 -8.38 -9.01 -19.92
CA PHE A 193 -8.01 -8.05 -20.97
C PHE A 193 -6.59 -8.18 -21.55
N GLN A 194 -5.73 -9.00 -20.96
CA GLN A 194 -4.38 -9.16 -21.50
C GLN A 194 -4.40 -10.10 -22.72
N TYR A 195 -5.55 -10.70 -22.98
CA TYR A 195 -5.68 -11.66 -24.08
C TYR A 195 -6.38 -11.20 -25.34
N SER A 196 -5.86 -11.71 -26.46
CA SER A 196 -6.44 -11.44 -27.76
C SER A 196 -7.54 -12.47 -27.73
N PRO A 197 -8.55 -12.35 -28.60
CA PRO A 197 -9.64 -13.33 -28.61
C PRO A 197 -9.13 -14.76 -28.80
N LYS A 198 -8.03 -14.91 -29.54
CA LYS A 198 -7.48 -16.24 -29.74
C LYS A 198 -6.79 -16.70 -28.46
N GLN A 199 -6.17 -15.75 -27.77
CA GLN A 199 -5.50 -16.06 -26.52
C GLN A 199 -6.52 -16.30 -25.42
N ARG A 200 -7.71 -15.73 -25.55
CA ARG A 200 -8.76 -15.92 -24.56
C ARG A 200 -9.26 -17.36 -24.68
N VAL A 201 -9.47 -17.79 -25.92
CA VAL A 201 -9.93 -19.15 -26.23
C VAL A 201 -8.92 -20.16 -25.67
N GLU A 202 -7.66 -19.97 -26.03
CA GLU A 202 -6.60 -20.85 -25.57
C GLU A 202 -6.64 -20.99 -24.05
N PHE A 203 -6.64 -19.85 -23.34
CA PHE A 203 -6.69 -19.87 -21.88
C PHE A 203 -7.89 -20.66 -21.39
N LEU A 204 -9.07 -20.40 -21.94
CA LEU A 204 -10.25 -21.15 -21.54
C LEU A 204 -10.10 -22.64 -21.83
N VAL A 205 -9.70 -22.97 -23.05
CA VAL A 205 -9.54 -24.37 -23.44
C VAL A 205 -8.46 -25.09 -22.62
N ASN A 206 -7.31 -24.44 -22.45
CA ASN A 206 -6.25 -25.07 -21.68
C ASN A 206 -6.71 -25.26 -20.23
N THR A 207 -7.41 -24.28 -19.70
CA THR A 207 -7.91 -24.35 -18.32
C THR A 207 -8.97 -25.43 -18.24
N TRP A 208 -9.78 -25.55 -19.29
CA TRP A 208 -10.82 -26.57 -19.27
C TRP A 208 -10.20 -27.95 -19.24
N LYS A 209 -9.14 -28.15 -20.02
CA LYS A 209 -8.46 -29.45 -20.08
C LYS A 209 -7.62 -29.79 -18.85
N SER A 210 -7.24 -28.79 -18.05
CA SER A 210 -6.42 -29.06 -16.88
C SER A 210 -7.23 -29.65 -15.75
N LYS A 211 -8.53 -29.79 -15.97
CA LYS A 211 -9.42 -30.33 -14.97
C LYS A 211 -9.74 -31.80 -15.23
N LYS A 212 -9.64 -32.61 -14.18
CA LYS A 212 -9.94 -34.05 -14.25
C LYS A 212 -11.36 -34.21 -14.78
N CYS A 213 -12.26 -33.36 -14.27
CA CYS A 213 -13.66 -33.36 -14.67
C CYS A 213 -14.10 -31.92 -14.47
N PRO A 214 -14.01 -31.12 -15.54
CA PRO A 214 -14.39 -29.71 -15.53
C PRO A 214 -15.85 -29.35 -15.27
N MET A 215 -16.03 -28.21 -14.60
CA MET A 215 -17.34 -27.67 -14.28
C MET A 215 -17.13 -26.17 -14.35
N GLY A 216 -17.91 -25.50 -15.18
CA GLY A 216 -17.75 -24.07 -15.31
C GLY A 216 -19.04 -23.28 -15.29
N PHE A 217 -18.92 -21.97 -15.08
CA PHE A 217 -20.08 -21.10 -15.04
C PHE A 217 -19.76 -19.63 -15.22
N SER A 218 -20.74 -18.91 -15.74
CA SER A 218 -20.62 -17.50 -15.95
C SER A 218 -21.43 -16.89 -14.79
N TYR A 219 -21.00 -15.73 -14.31
CA TYR A 219 -21.72 -15.08 -13.22
C TYR A 219 -22.10 -13.68 -13.65
N ASP A 220 -23.41 -13.43 -13.65
CA ASP A 220 -23.95 -12.14 -14.06
C ASP A 220 -24.42 -11.35 -12.85
N THR A 221 -23.65 -10.35 -12.44
CA THR A 221 -24.08 -9.55 -11.30
C THR A 221 -25.15 -8.57 -11.79
N ARG A 222 -26.27 -8.52 -11.07
CA ARG A 222 -27.36 -7.59 -11.39
C ARG A 222 -26.80 -6.17 -11.25
N CYS A 223 -26.86 -5.38 -12.31
CA CYS A 223 -26.36 -3.99 -12.31
C CYS A 223 -25.12 -3.79 -11.43
N PHE A 224 -24.02 -4.42 -11.83
CA PHE A 224 -22.77 -4.37 -11.07
C PHE A 224 -22.30 -3.01 -10.56
N ASP A 225 -22.36 -1.98 -11.41
CA ASP A 225 -21.91 -0.66 -10.99
C ASP A 225 -22.64 -0.12 -9.77
N SER A 226 -23.95 -0.32 -9.71
CA SER A 226 -24.71 0.16 -8.57
C SER A 226 -24.44 -0.69 -7.33
N THR A 227 -23.93 -1.91 -7.51
CA THR A 227 -23.63 -2.76 -6.35
C THR A 227 -22.31 -2.37 -5.70
N VAL A 228 -21.46 -1.67 -6.45
CA VAL A 228 -20.17 -1.24 -5.92
C VAL A 228 -20.41 -0.24 -4.78
N THR A 229 -19.85 -0.52 -3.60
CA THR A 229 -20.03 0.35 -2.44
C THR A 229 -18.88 1.30 -2.23
N GLU A 230 -19.13 2.29 -1.37
CA GLU A 230 -18.11 3.27 -1.03
C GLU A 230 -16.94 2.50 -0.41
N SER A 231 -17.28 1.45 0.33
CA SER A 231 -16.28 0.61 0.94
C SER A 231 -15.44 -0.05 -0.16
N ASP A 232 -16.10 -0.59 -1.18
CA ASP A 232 -15.39 -1.25 -2.30
C ASP A 232 -14.41 -0.29 -2.96
N ILE A 233 -14.85 0.95 -3.16
CA ILE A 233 -14.00 1.94 -3.82
C ILE A 233 -12.79 2.35 -3.00
N ARG A 234 -12.89 2.32 -1.67
CA ARG A 234 -11.74 2.69 -0.85
C ARG A 234 -10.81 1.50 -0.79
N VAL A 235 -11.38 0.30 -0.86
CA VAL A 235 -10.58 -0.91 -0.84
C VAL A 235 -9.75 -0.90 -2.12
N GLU A 236 -10.40 -0.49 -3.21
CA GLU A 236 -9.77 -0.38 -4.52
C GLU A 236 -8.60 0.63 -4.47
N GLU A 237 -8.86 1.80 -3.88
CA GLU A 237 -7.80 2.80 -3.74
C GLU A 237 -6.64 2.24 -2.89
N SER A 238 -6.98 1.51 -1.82
CA SER A 238 -5.95 0.94 -0.96
C SER A 238 -5.05 -0.04 -1.73
N ILE A 239 -5.55 -0.58 -2.84
CA ILE A 239 -4.75 -1.49 -3.66
C ILE A 239 -3.81 -0.61 -4.49
N TYR A 240 -4.35 0.50 -4.97
CA TYR A 240 -3.57 1.45 -5.75
C TYR A 240 -2.48 2.06 -4.87
N GLN A 241 -2.84 2.33 -3.62
CA GLN A 241 -1.91 2.95 -2.69
C GLN A 241 -0.73 2.06 -2.35
N CYS A 242 -0.79 0.79 -2.73
CA CYS A 242 0.33 -0.10 -2.45
C CYS A 242 1.45 0.13 -3.45
N CYS A 243 1.13 0.87 -4.50
CA CYS A 243 2.09 1.19 -5.56
C CYS A 243 3.03 2.28 -5.15
N ASP A 244 4.26 2.24 -5.70
CA ASP A 244 5.23 3.30 -5.45
C ASP A 244 4.71 4.39 -6.36
N LEU A 245 4.36 5.53 -5.77
CA LEU A 245 3.79 6.65 -6.52
C LEU A 245 4.44 7.96 -6.21
N ALA A 246 4.44 8.86 -7.17
CA ALA A 246 5.00 10.18 -6.95
C ALA A 246 4.04 10.87 -5.99
N PRO A 247 4.56 11.76 -5.14
CA PRO A 247 3.69 12.47 -4.18
C PRO A 247 2.46 13.10 -4.81
N GLU A 248 2.63 13.80 -5.93
CA GLU A 248 1.51 14.46 -6.60
C GLU A 248 0.44 13.43 -6.99
N ALA A 249 0.88 12.30 -7.53
CA ALA A 249 -0.04 11.26 -7.96
C ALA A 249 -0.76 10.57 -6.79
N ARG A 250 -0.01 10.26 -5.73
CA ARG A 250 -0.60 9.60 -4.57
C ARG A 250 -1.72 10.48 -4.02
N GLN A 251 -1.48 11.78 -3.92
CA GLN A 251 -2.48 12.72 -3.44
C GLN A 251 -3.63 12.79 -4.46
N ALA A 252 -3.29 12.83 -5.74
CA ALA A 252 -4.32 12.90 -6.78
C ALA A 252 -5.25 11.69 -6.69
N ILE A 253 -4.67 10.53 -6.40
CA ILE A 253 -5.45 9.30 -6.27
C ILE A 253 -6.33 9.35 -5.03
N ARG A 254 -5.78 9.92 -3.97
CA ARG A 254 -6.49 10.07 -2.69
C ARG A 254 -7.66 11.03 -2.91
N SER A 255 -7.39 12.15 -3.56
CA SER A 255 -8.42 13.15 -3.83
C SER A 255 -9.51 12.67 -4.79
N LEU A 256 -9.09 12.11 -5.91
CA LEU A 256 -10.04 11.58 -6.89
C LEU A 256 -10.94 10.51 -6.27
N THR A 257 -10.39 9.72 -5.35
CA THR A 257 -11.16 8.67 -4.71
C THR A 257 -12.35 9.24 -3.93
N GLU A 258 -12.06 10.23 -3.09
CA GLU A 258 -13.07 10.86 -2.24
C GLU A 258 -13.97 11.85 -2.95
N ARG A 259 -13.43 12.52 -3.96
CA ARG A 259 -14.20 13.52 -4.68
C ARG A 259 -14.94 13.05 -5.93
N LEU A 260 -14.57 11.90 -6.48
CA LEU A 260 -15.23 11.43 -7.69
C LEU A 260 -15.65 9.96 -7.68
N TYR A 261 -14.70 9.06 -7.51
CA TYR A 261 -15.00 7.64 -7.53
C TYR A 261 -16.02 7.09 -6.51
N ILE A 262 -15.97 7.56 -5.27
CA ILE A 262 -16.89 7.08 -4.24
C ILE A 262 -18.30 7.62 -4.43
N GLY A 263 -18.41 8.70 -5.19
CA GLY A 263 -19.70 9.30 -5.41
C GLY A 263 -19.59 10.77 -5.73
N GLY A 264 -20.73 11.42 -5.90
CA GLY A 264 -20.71 12.84 -6.23
C GLY A 264 -22.07 13.29 -6.73
N PRO A 265 -22.26 14.61 -6.89
CA PRO A 265 -23.52 15.19 -7.37
C PRO A 265 -23.75 14.82 -8.82
N LEU A 266 -24.99 14.89 -9.28
CA LEU A 266 -25.33 14.55 -10.66
C LEU A 266 -26.07 15.68 -11.36
N THR A 267 -25.58 16.08 -12.53
CA THR A 267 -26.16 17.16 -13.31
C THR A 267 -26.52 16.69 -14.71
N ASN A 268 -27.68 17.12 -15.23
CA ASN A 268 -28.09 16.73 -16.58
C ASN A 268 -27.53 17.66 -17.64
N SER A 269 -27.86 17.37 -18.90
CA SER A 269 -27.37 18.17 -20.01
C SER A 269 -27.82 19.62 -19.90
N LYS A 270 -28.87 19.85 -19.14
CA LYS A 270 -29.40 21.20 -18.96
C LYS A 270 -28.79 21.97 -17.79
N GLY A 271 -27.82 21.38 -17.12
CA GLY A 271 -27.18 22.06 -16.01
C GLY A 271 -28.03 22.02 -14.77
N GLN A 272 -28.98 21.09 -14.72
CA GLN A 272 -29.87 20.95 -13.57
C GLN A 272 -29.35 19.90 -12.62
N ASN A 273 -29.74 20.02 -11.36
CA ASN A 273 -29.34 19.06 -10.33
C ASN A 273 -30.23 17.82 -10.42
N CYS A 274 -29.65 16.68 -10.77
CA CYS A 274 -30.38 15.44 -10.88
C CYS A 274 -30.45 14.63 -9.60
N GLY A 275 -29.36 14.59 -8.86
CA GLY A 275 -29.37 13.83 -7.64
C GLY A 275 -27.96 13.50 -7.20
N TYR A 276 -27.81 12.39 -6.50
CA TYR A 276 -26.50 12.02 -6.01
C TYR A 276 -26.16 10.56 -6.31
N ARG A 277 -24.86 10.28 -6.40
CA ARG A 277 -24.37 8.92 -6.67
C ARG A 277 -23.47 8.42 -5.54
N ARG A 278 -23.67 7.19 -5.12
CA ARG A 278 -22.84 6.60 -4.08
C ARG A 278 -22.32 5.23 -4.53
N CYS A 279 -22.23 5.06 -5.84
CA CYS A 279 -21.74 3.83 -6.42
C CYS A 279 -20.79 4.16 -7.57
N ARG A 280 -20.38 3.13 -8.31
CA ARG A 280 -19.47 3.28 -9.44
C ARG A 280 -20.01 4.12 -10.59
N ALA A 281 -19.18 5.03 -11.08
CA ALA A 281 -19.52 5.88 -12.22
C ALA A 281 -18.93 5.15 -13.43
N SER A 282 -19.69 5.05 -14.52
CA SER A 282 -19.21 4.34 -15.71
C SER A 282 -18.22 5.14 -16.56
N GLY A 283 -18.31 6.46 -16.48
CA GLY A 283 -17.45 7.31 -17.29
C GLY A 283 -16.12 7.83 -16.76
N VAL A 284 -15.48 7.10 -15.85
CA VAL A 284 -14.18 7.50 -15.32
C VAL A 284 -13.13 6.46 -15.67
N LEU A 285 -11.86 6.86 -15.54
CA LEU A 285 -10.73 5.99 -15.89
C LEU A 285 -10.57 4.69 -15.13
N THR A 286 -10.87 4.71 -13.85
CA THR A 286 -10.76 3.52 -13.00
C THR A 286 -11.94 2.55 -13.09
N THR A 287 -12.96 2.86 -13.85
CA THR A 287 -14.10 1.96 -13.93
C THR A 287 -13.79 0.53 -14.32
N SER A 288 -13.03 0.34 -15.39
CA SER A 288 -12.71 -1.03 -15.78
C SER A 288 -11.78 -1.70 -14.77
N CYS A 289 -10.65 -1.06 -14.47
CA CYS A 289 -9.71 -1.63 -13.51
C CYS A 289 -10.42 -1.92 -12.18
N GLY A 290 -11.10 -0.90 -11.67
CA GLY A 290 -11.83 -1.02 -10.41
C GLY A 290 -12.82 -2.15 -10.40
N ASN A 291 -13.67 -2.22 -11.42
CA ASN A 291 -14.66 -3.28 -11.50
C ASN A 291 -14.01 -4.66 -11.54
N THR A 292 -12.97 -4.83 -12.35
CA THR A 292 -12.26 -6.10 -12.49
C THR A 292 -11.70 -6.56 -11.14
N LEU A 293 -11.04 -5.63 -10.45
CA LEU A 293 -10.46 -5.93 -9.15
C LEU A 293 -11.54 -6.35 -8.16
N THR A 294 -12.58 -5.54 -8.06
CA THR A 294 -13.69 -5.81 -7.13
C THR A 294 -14.43 -7.13 -7.41
N CYS A 295 -14.68 -7.43 -8.69
CA CYS A 295 -15.36 -8.65 -9.07
C CYS A 295 -14.45 -9.83 -8.72
N TYR A 296 -13.19 -9.70 -9.11
CA TYR A 296 -12.18 -10.72 -8.83
C TYR A 296 -12.06 -10.95 -7.32
N LEU A 297 -11.96 -9.85 -6.57
CA LEU A 297 -11.82 -9.91 -5.12
C LEU A 297 -12.97 -10.66 -4.44
N LYS A 298 -14.20 -10.27 -4.73
CA LYS A 298 -15.36 -10.90 -4.14
C LYS A 298 -15.51 -12.36 -4.61
N ALA A 299 -15.31 -12.59 -5.90
CA ALA A 299 -15.44 -13.94 -6.44
C ALA A 299 -14.44 -14.92 -5.82
N THR A 300 -13.16 -14.54 -5.80
CA THR A 300 -12.14 -15.41 -5.24
C THR A 300 -12.53 -15.84 -3.82
N ALA A 301 -13.05 -14.90 -3.04
CA ALA A 301 -13.45 -15.18 -1.67
C ALA A 301 -14.79 -15.92 -1.63
N ALA A 302 -15.61 -15.73 -2.65
CA ALA A 302 -16.89 -16.40 -2.68
C ALA A 302 -16.62 -17.89 -2.89
N CYS A 303 -15.62 -18.18 -3.71
CA CYS A 303 -15.22 -19.55 -4.02
C CYS A 303 -14.74 -20.32 -2.79
N ARG A 304 -13.99 -19.65 -1.92
CA ARG A 304 -13.47 -20.30 -0.72
C ARG A 304 -14.58 -20.59 0.28
N ALA A 305 -15.57 -19.70 0.35
CA ALA A 305 -16.68 -19.87 1.29
C ALA A 305 -17.60 -21.02 0.86
N ALA A 306 -17.69 -21.21 -0.45
CA ALA A 306 -18.56 -22.23 -1.01
C ALA A 306 -17.90 -23.59 -1.21
N LYS A 307 -16.66 -23.72 -0.77
CA LYS A 307 -15.93 -24.96 -0.91
C LYS A 307 -15.72 -25.46 -2.34
N LEU A 308 -15.83 -24.57 -3.33
CA LEU A 308 -15.61 -24.98 -4.71
C LEU A 308 -14.13 -25.36 -4.79
N GLN A 309 -13.80 -26.42 -5.52
CA GLN A 309 -12.41 -26.85 -5.58
C GLN A 309 -11.66 -26.34 -6.81
N ASP A 310 -10.36 -26.12 -6.61
CA ASP A 310 -9.46 -25.64 -7.64
C ASP A 310 -10.06 -24.68 -8.69
N CYS A 311 -10.43 -23.49 -8.25
CA CYS A 311 -11.03 -22.49 -9.13
C CYS A 311 -10.07 -21.70 -10.01
N THR A 312 -10.48 -21.45 -11.24
CA THR A 312 -9.68 -20.64 -12.17
C THR A 312 -10.61 -19.51 -12.59
N MET A 313 -10.21 -18.26 -12.33
CA MET A 313 -11.04 -17.10 -12.67
C MET A 313 -10.56 -16.44 -13.95
N LEU A 314 -11.50 -15.79 -14.64
CA LEU A 314 -11.23 -15.03 -15.87
C LEU A 314 -12.14 -13.81 -15.74
N VAL A 315 -11.57 -12.68 -15.36
CA VAL A 315 -12.34 -11.46 -15.14
C VAL A 315 -12.12 -10.35 -16.17
N ASN A 316 -13.22 -9.76 -16.62
CA ASN A 316 -13.21 -8.65 -17.57
C ASN A 316 -14.19 -7.58 -17.08
N GLY A 317 -13.68 -6.61 -16.32
CA GLY A 317 -14.57 -5.60 -15.80
C GLY A 317 -15.50 -6.31 -14.84
N ASP A 318 -16.80 -6.25 -15.05
CA ASP A 318 -17.74 -6.92 -14.15
C ASP A 318 -18.20 -8.28 -14.68
N ASP A 319 -17.58 -8.74 -15.75
CA ASP A 319 -17.93 -10.01 -16.35
C ASP A 319 -16.99 -11.07 -15.81
N LEU A 320 -17.56 -12.18 -15.35
CA LEU A 320 -16.75 -13.24 -14.79
C LEU A 320 -17.11 -14.69 -15.18
N VAL A 321 -16.09 -15.52 -15.32
CA VAL A 321 -16.28 -16.93 -15.63
C VAL A 321 -15.29 -17.72 -14.79
N VAL A 322 -15.80 -18.78 -14.18
CA VAL A 322 -15.00 -19.61 -13.33
C VAL A 322 -14.99 -21.05 -13.87
N ILE A 323 -13.88 -21.75 -13.68
CA ILE A 323 -13.77 -23.14 -14.10
C ILE A 323 -13.08 -23.87 -12.96
N CYS A 324 -13.73 -24.92 -12.46
CA CYS A 324 -13.15 -25.68 -11.36
C CYS A 324 -13.33 -27.20 -11.52
N GLU A 325 -12.99 -27.94 -10.46
CA GLU A 325 -13.12 -29.39 -10.44
C GLU A 325 -14.50 -29.76 -9.94
N SER A 326 -15.19 -30.62 -10.68
CA SER A 326 -16.51 -31.05 -10.28
C SER A 326 -16.43 -31.99 -9.11
N ALA A 327 -17.46 -31.95 -8.27
CA ALA A 327 -17.54 -32.81 -7.09
C ALA A 327 -18.82 -33.60 -7.25
N GLY A 328 -19.36 -33.57 -8.47
CA GLY A 328 -20.60 -34.28 -8.76
C GLY A 328 -21.68 -33.27 -9.04
N THR A 329 -22.84 -33.72 -9.53
CA THR A 329 -23.94 -32.84 -9.85
C THR A 329 -24.58 -32.15 -8.65
N GLN A 330 -24.94 -32.92 -7.64
CA GLN A 330 -25.57 -32.35 -6.45
C GLN A 330 -24.62 -31.32 -5.82
N GLU A 331 -23.46 -31.83 -5.46
CA GLU A 331 -22.42 -31.05 -4.83
C GLU A 331 -22.09 -29.78 -5.62
N ASP A 332 -21.96 -29.90 -6.94
CA ASP A 332 -21.67 -28.75 -7.78
C ASP A 332 -22.77 -27.71 -7.67
N ALA A 333 -24.01 -28.17 -7.74
CA ALA A 333 -25.16 -27.29 -7.67
C ALA A 333 -25.29 -26.59 -6.31
N ALA A 334 -25.02 -27.33 -5.23
CA ALA A 334 -25.10 -26.74 -3.90
C ALA A 334 -23.92 -25.78 -3.71
N ALA A 335 -22.74 -26.17 -4.18
CA ALA A 335 -21.57 -25.32 -4.06
C ALA A 335 -21.85 -24.02 -4.79
N LEU A 336 -22.37 -24.12 -6.01
CA LEU A 336 -22.69 -22.94 -6.81
C LEU A 336 -23.66 -22.04 -6.05
N ARG A 337 -24.68 -22.63 -5.44
CA ARG A 337 -25.67 -21.87 -4.69
C ARG A 337 -25.07 -21.21 -3.45
N ALA A 338 -24.08 -21.85 -2.84
CA ALA A 338 -23.43 -21.27 -1.69
C ALA A 338 -22.57 -20.11 -2.17
N PHE A 339 -22.03 -20.23 -3.38
CA PHE A 339 -21.20 -19.19 -3.97
C PHE A 339 -22.03 -17.92 -4.14
N THR A 340 -23.19 -18.06 -4.78
CA THR A 340 -24.08 -16.92 -5.01
C THR A 340 -24.45 -16.23 -3.70
N GLU A 341 -24.54 -16.99 -2.61
CA GLU A 341 -24.89 -16.41 -1.32
C GLU A 341 -23.72 -15.60 -0.77
N ALA A 342 -22.50 -16.10 -0.98
CA ALA A 342 -21.33 -15.39 -0.51
C ALA A 342 -21.24 -14.08 -1.29
N MET A 343 -21.40 -14.18 -2.62
CA MET A 343 -21.36 -13.01 -3.48
C MET A 343 -22.43 -11.99 -3.11
N THR A 344 -23.62 -12.49 -2.72
CA THR A 344 -24.74 -11.63 -2.35
C THR A 344 -24.45 -10.86 -1.05
N ARG A 345 -23.70 -11.49 -0.14
CA ARG A 345 -23.32 -10.86 1.12
C ARG A 345 -22.25 -9.80 0.85
N TYR A 346 -21.40 -10.06 -0.15
CA TYR A 346 -20.31 -9.15 -0.53
C TYR A 346 -20.85 -8.03 -1.41
N SER A 347 -22.18 -7.94 -1.48
CA SER A 347 -22.86 -6.92 -2.25
C SER A 347 -22.83 -7.07 -3.76
N ALA A 348 -22.74 -8.30 -4.25
CA ALA A 348 -22.75 -8.56 -5.68
C ALA A 348 -23.79 -9.64 -5.98
N PRO A 349 -25.08 -9.30 -5.85
CA PRO A 349 -26.19 -10.21 -6.09
C PRO A 349 -26.29 -10.52 -7.58
N PRO A 350 -26.77 -11.72 -7.93
CA PRO A 350 -26.90 -12.13 -9.33
C PRO A 350 -28.12 -11.59 -10.05
N GLY A 351 -27.99 -11.44 -11.36
CA GLY A 351 -29.12 -11.00 -12.16
C GLY A 351 -29.70 -12.35 -12.59
N ASP A 352 -29.14 -12.93 -13.62
CA ASP A 352 -29.61 -14.23 -14.07
C ASP A 352 -29.01 -15.22 -13.09
N PRO A 353 -29.84 -16.06 -12.45
CA PRO A 353 -29.19 -16.99 -11.52
C PRO A 353 -28.14 -17.78 -12.31
N PRO A 354 -27.07 -18.23 -11.62
CA PRO A 354 -25.98 -19.00 -12.22
C PRO A 354 -26.29 -20.49 -12.33
N GLN A 355 -25.88 -21.11 -13.44
CA GLN A 355 -26.11 -22.53 -13.63
C GLN A 355 -24.81 -23.26 -13.96
N PRO A 356 -24.61 -24.43 -13.35
CA PRO A 356 -23.38 -25.18 -13.64
C PRO A 356 -23.39 -25.74 -15.07
N GLU A 357 -22.25 -25.62 -15.75
CA GLU A 357 -22.07 -26.09 -17.13
C GLU A 357 -20.97 -27.15 -17.23
N TYR A 358 -21.23 -28.23 -17.94
CA TYR A 358 -20.23 -29.30 -18.07
C TYR A 358 -19.74 -29.43 -19.49
N ASP A 359 -20.01 -28.42 -20.30
CA ASP A 359 -19.60 -28.39 -21.70
C ASP A 359 -19.11 -26.96 -22.03
N LEU A 360 -17.81 -26.83 -22.28
CA LEU A 360 -17.19 -25.55 -22.58
C LEU A 360 -17.90 -24.60 -23.57
N GLU A 361 -18.45 -25.14 -24.65
CA GLU A 361 -19.14 -24.33 -25.68
C GLU A 361 -20.40 -23.61 -25.20
N LEU A 362 -21.10 -24.18 -24.22
CA LEU A 362 -22.33 -23.57 -23.72
C LEU A 362 -22.12 -22.51 -22.64
N ILE A 363 -20.89 -22.06 -22.47
CA ILE A 363 -20.60 -21.06 -21.46
C ILE A 363 -20.37 -19.69 -22.07
N THR A 364 -21.34 -18.81 -21.87
CA THR A 364 -21.29 -17.47 -22.39
C THR A 364 -20.69 -16.48 -21.37
N SER A 365 -19.50 -15.99 -21.68
CA SER A 365 -18.81 -15.01 -20.85
C SER A 365 -18.40 -13.92 -21.79
N CYS A 366 -18.47 -12.67 -21.33
CA CYS A 366 -18.14 -11.51 -22.17
C CYS A 366 -18.99 -11.58 -23.44
N SER A 367 -20.22 -12.05 -23.25
CA SER A 367 -21.19 -12.18 -24.34
C SER A 367 -20.77 -13.19 -25.40
N SER A 368 -19.61 -13.81 -25.19
CA SER A 368 -19.10 -14.75 -26.15
C SER A 368 -18.96 -16.17 -25.62
N ASN A 369 -18.60 -17.09 -26.50
CA ASN A 369 -18.45 -18.49 -26.14
C ASN A 369 -17.42 -19.09 -27.06
N VAL A 370 -16.73 -20.13 -26.58
CA VAL A 370 -15.71 -20.83 -27.36
C VAL A 370 -16.39 -21.88 -28.23
N SER A 371 -15.91 -22.06 -29.46
CA SER A 371 -16.49 -23.06 -30.36
C SER A 371 -15.40 -23.67 -31.24
N VAL A 372 -15.79 -24.62 -32.10
CA VAL A 372 -14.83 -25.30 -32.94
C VAL A 372 -15.21 -25.52 -34.41
N ALA A 373 -14.25 -25.26 -35.29
CA ALA A 373 -14.39 -25.46 -36.73
C ALA A 373 -13.13 -26.21 -37.22
N HIS A 374 -12.86 -26.17 -38.52
CA HIS A 374 -11.70 -26.88 -39.09
C HIS A 374 -10.96 -26.12 -40.19
N ASP A 375 -9.64 -26.21 -40.19
CA ASP A 375 -8.85 -25.53 -41.20
C ASP A 375 -8.73 -26.38 -42.45
N ALA A 376 -8.15 -25.79 -43.49
CA ALA A 376 -8.00 -26.46 -44.77
C ALA A 376 -7.54 -27.91 -44.57
N SER A 377 -6.59 -28.09 -43.67
CA SER A 377 -6.02 -29.41 -43.40
C SER A 377 -7.00 -30.41 -42.80
N GLY A 378 -8.07 -29.92 -42.20
CA GLY A 378 -9.05 -30.80 -41.59
C GLY A 378 -8.93 -30.83 -40.08
N LYS A 379 -7.88 -30.18 -39.57
CA LYS A 379 -7.62 -30.14 -38.14
C LYS A 379 -8.60 -29.23 -37.40
N ARG A 380 -8.88 -29.60 -36.16
CA ARG A 380 -9.79 -28.82 -35.36
C ARG A 380 -9.12 -27.53 -34.96
N VAL A 381 -9.94 -26.50 -34.74
CA VAL A 381 -9.44 -25.21 -34.32
C VAL A 381 -10.55 -24.44 -33.61
N TYR A 382 -10.27 -24.08 -32.37
CA TYR A 382 -11.18 -23.36 -31.50
C TYR A 382 -11.11 -21.88 -31.81
N TYR A 383 -12.24 -21.21 -31.69
CA TYR A 383 -12.29 -19.78 -31.92
C TYR A 383 -13.40 -19.20 -31.07
N LEU A 384 -13.44 -17.88 -30.98
CA LEU A 384 -14.45 -17.19 -30.18
C LEU A 384 -15.59 -16.69 -31.05
N THR A 385 -16.80 -17.08 -30.71
CA THR A 385 -17.96 -16.64 -31.45
C THR A 385 -18.98 -16.03 -30.51
N ARG A 386 -20.13 -15.66 -31.04
CA ARG A 386 -21.20 -15.08 -30.24
C ARG A 386 -22.42 -14.95 -31.11
N ASP A 387 -23.59 -14.91 -30.50
CA ASP A 387 -24.82 -14.73 -31.25
C ASP A 387 -24.60 -13.46 -32.07
N PRO A 388 -24.86 -13.51 -33.38
CA PRO A 388 -24.64 -12.33 -34.21
C PRO A 388 -25.69 -11.22 -34.23
N THR A 389 -26.82 -11.45 -33.58
CA THR A 389 -27.91 -10.47 -33.52
C THR A 389 -27.49 -9.01 -33.26
N THR A 390 -26.85 -8.74 -32.13
CA THR A 390 -26.44 -7.36 -31.85
C THR A 390 -25.42 -6.84 -32.86
N PRO A 391 -24.33 -7.59 -33.10
CA PRO A 391 -23.40 -7.04 -34.09
C PRO A 391 -24.11 -6.77 -35.44
N LEU A 392 -25.12 -7.56 -35.77
CA LEU A 392 -25.82 -7.37 -37.03
C LEU A 392 -26.79 -6.19 -36.97
N ALA A 393 -27.47 -6.01 -35.85
CA ALA A 393 -28.37 -4.88 -35.72
C ALA A 393 -27.55 -3.60 -35.82
N ARG A 394 -26.36 -3.62 -35.24
CA ARG A 394 -25.49 -2.45 -35.26
C ARG A 394 -24.81 -2.21 -36.62
N ALA A 395 -24.56 -3.28 -37.37
CA ALA A 395 -23.95 -3.15 -38.70
C ALA A 395 -24.92 -2.40 -39.58
N ALA A 396 -26.20 -2.73 -39.44
CA ALA A 396 -27.25 -2.11 -40.22
C ALA A 396 -27.32 -0.61 -39.89
N TRP A 397 -27.37 -0.30 -38.60
CA TRP A 397 -27.43 1.08 -38.13
C TRP A 397 -26.19 1.91 -38.54
N GLU A 398 -25.00 1.33 -38.39
CA GLU A 398 -23.78 2.07 -38.77
C GLU A 398 -23.69 2.20 -40.28
N THR A 399 -24.51 1.43 -40.98
CA THR A 399 -24.55 1.46 -42.43
C THR A 399 -25.55 2.53 -42.88
N ALA A 400 -26.52 2.88 -42.02
CA ALA A 400 -27.52 3.89 -42.35
C ALA A 400 -27.17 5.29 -41.84
N ARG A 401 -26.38 5.37 -40.76
CA ARG A 401 -25.99 6.67 -40.17
C ARG A 401 -24.48 6.78 -39.93
N HIS A 402 -23.99 8.00 -39.82
CA HIS A 402 -22.58 8.21 -39.54
C HIS A 402 -22.41 8.10 -38.04
N THR A 403 -21.54 7.17 -37.62
CA THR A 403 -21.29 6.96 -36.20
C THR A 403 -19.81 7.04 -35.84
N PRO A 404 -19.48 7.79 -34.79
CA PRO A 404 -18.09 7.94 -34.36
C PRO A 404 -17.39 6.57 -34.31
N ILE A 405 -18.03 5.61 -33.67
CA ILE A 405 -17.44 4.27 -33.57
C ILE A 405 -18.06 3.24 -34.50
N ASN A 406 -17.21 2.60 -35.28
CA ASN A 406 -17.64 1.56 -36.21
C ASN A 406 -17.58 0.20 -35.51
N SER A 407 -18.67 -0.18 -34.88
CA SER A 407 -18.71 -1.44 -34.19
C SER A 407 -18.40 -2.58 -35.17
N TRP A 408 -18.87 -2.46 -36.41
CA TRP A 408 -18.64 -3.51 -37.40
C TRP A 408 -17.16 -3.78 -37.68
N LEU A 409 -16.37 -2.74 -37.76
CA LEU A 409 -14.96 -2.95 -38.01
C LEU A 409 -14.39 -3.62 -36.76
N GLY A 410 -14.96 -3.32 -35.61
CA GLY A 410 -14.47 -3.95 -34.40
C GLY A 410 -14.82 -5.42 -34.45
N ASN A 411 -16.11 -5.70 -34.61
CA ASN A 411 -16.62 -7.06 -34.65
C ASN A 411 -15.94 -7.96 -35.68
N ILE A 412 -15.45 -7.36 -36.77
CA ILE A 412 -14.77 -8.12 -37.81
C ILE A 412 -13.36 -8.49 -37.35
N ILE A 413 -12.74 -7.60 -36.60
CA ILE A 413 -11.39 -7.85 -36.14
C ILE A 413 -11.40 -8.87 -35.03
N MET A 414 -12.35 -8.73 -34.11
CA MET A 414 -12.47 -9.64 -32.99
C MET A 414 -13.09 -11.00 -33.32
N TYR A 415 -13.91 -11.06 -34.37
CA TYR A 415 -14.54 -12.31 -34.74
C TYR A 415 -14.24 -12.76 -36.16
N ALA A 416 -13.08 -12.40 -36.68
CA ALA A 416 -12.69 -12.77 -38.03
C ALA A 416 -12.95 -14.26 -38.40
N PRO A 417 -12.71 -15.20 -37.48
CA PRO A 417 -12.93 -16.62 -37.76
C PRO A 417 -14.38 -17.05 -37.98
N THR A 418 -15.27 -16.48 -37.18
CA THR A 418 -16.69 -16.84 -37.21
C THR A 418 -17.33 -16.84 -38.58
N LEU A 419 -18.29 -17.72 -38.72
CA LEU A 419 -19.05 -17.89 -39.94
C LEU A 419 -19.84 -16.61 -40.28
N TRP A 420 -20.48 -16.01 -39.28
CA TRP A 420 -21.26 -14.80 -39.52
C TRP A 420 -20.46 -13.56 -39.91
N ALA A 421 -19.29 -13.37 -39.33
CA ALA A 421 -18.48 -12.20 -39.67
C ALA A 421 -17.84 -12.29 -41.05
N ARG A 422 -17.46 -13.48 -41.48
CA ARG A 422 -16.83 -13.63 -42.79
C ARG A 422 -17.86 -13.57 -43.92
N MET A 423 -18.98 -14.25 -43.73
CA MET A 423 -20.04 -14.30 -44.72
C MET A 423 -20.87 -13.02 -44.85
N ILE A 424 -21.13 -12.37 -43.71
CA ILE A 424 -21.96 -11.17 -43.70
C ILE A 424 -21.20 -9.85 -43.58
N LEU A 425 -20.61 -9.57 -42.42
CA LEU A 425 -19.89 -8.32 -42.22
C LEU A 425 -18.85 -7.94 -43.29
N MET A 426 -17.89 -8.83 -43.54
CA MET A 426 -16.87 -8.53 -44.53
C MET A 426 -17.48 -8.28 -45.91
N THR A 427 -18.43 -9.12 -46.31
CA THR A 427 -19.04 -8.97 -47.63
C THR A 427 -19.86 -7.69 -47.76
N HIS A 428 -20.72 -7.41 -46.79
CA HIS A 428 -21.53 -6.20 -46.83
C HIS A 428 -20.67 -4.95 -46.81
N PHE A 429 -19.73 -4.87 -45.89
CA PHE A 429 -18.90 -3.67 -45.79
C PHE A 429 -17.83 -3.51 -46.86
N PHE A 430 -17.26 -4.61 -47.36
CA PHE A 430 -16.28 -4.44 -48.41
C PHE A 430 -16.94 -4.02 -49.71
N SER A 431 -18.13 -4.53 -49.98
CA SER A 431 -18.81 -4.13 -51.21
C SER A 431 -19.14 -2.64 -51.14
N ILE A 432 -19.60 -2.17 -49.97
CA ILE A 432 -19.95 -0.77 -49.79
C ILE A 432 -18.75 0.17 -49.99
N LEU A 433 -17.61 -0.17 -49.38
CA LEU A 433 -16.42 0.64 -49.50
C LEU A 433 -16.02 0.78 -50.96
N LEU A 434 -15.95 -0.34 -51.68
CA LEU A 434 -15.59 -0.35 -53.11
C LEU A 434 -16.45 0.65 -53.86
N ALA A 435 -17.76 0.56 -53.66
CA ALA A 435 -18.69 1.47 -54.32
C ALA A 435 -18.38 2.94 -54.01
N GLN A 436 -18.37 3.31 -52.73
CA GLN A 436 -18.10 4.69 -52.35
C GLN A 436 -16.64 5.04 -52.57
N GLU A 437 -15.87 4.07 -53.04
CA GLU A 437 -14.45 4.30 -53.29
C GLU A 437 -13.78 4.90 -52.05
N GLN A 438 -13.71 4.10 -50.98
CA GLN A 438 -13.10 4.55 -49.73
C GLN A 438 -12.37 3.42 -49.01
N LEU A 439 -11.79 2.52 -49.77
CA LEU A 439 -11.05 1.41 -49.20
C LEU A 439 -9.82 1.92 -48.47
N GLU A 440 -9.36 3.13 -48.80
CA GLU A 440 -8.17 3.70 -48.16
C GLU A 440 -8.53 4.28 -46.78
N LYS A 441 -9.63 5.04 -46.75
CA LYS A 441 -10.11 5.73 -45.56
C LYS A 441 -10.10 4.95 -44.24
N ALA A 442 -9.30 5.47 -43.30
CA ALA A 442 -9.17 4.87 -41.96
C ALA A 442 -10.46 5.11 -41.20
N LEU A 443 -10.84 4.16 -40.35
CA LEU A 443 -12.07 4.31 -39.57
C LEU A 443 -11.78 4.01 -38.11
N ASP A 444 -12.46 4.70 -37.22
CA ASP A 444 -12.25 4.46 -35.80
C ASP A 444 -13.12 3.32 -35.30
N CYS A 445 -12.61 2.57 -34.34
CA CYS A 445 -13.34 1.48 -33.76
C CYS A 445 -12.74 1.23 -32.39
N GLN A 446 -13.50 0.55 -31.53
CA GLN A 446 -12.98 0.29 -30.19
C GLN A 446 -12.65 -1.18 -29.94
N ILE A 447 -11.64 -1.38 -29.10
CA ILE A 447 -11.20 -2.72 -28.69
C ILE A 447 -10.97 -2.64 -27.18
N TYR A 448 -11.79 -3.36 -26.43
CA TYR A 448 -11.76 -3.39 -24.97
C TYR A 448 -11.89 -1.96 -24.44
N GLY A 449 -12.63 -1.14 -25.16
CA GLY A 449 -12.84 0.23 -24.76
C GLY A 449 -11.94 1.28 -25.40
N ALA A 450 -10.69 0.93 -25.67
CA ALA A 450 -9.74 1.87 -26.26
C ALA A 450 -10.09 2.18 -27.71
N CYS A 451 -9.87 3.43 -28.11
CA CYS A 451 -10.19 3.83 -29.48
C CYS A 451 -8.96 3.58 -30.36
N TYR A 452 -9.21 3.13 -31.59
CA TYR A 452 -8.12 2.85 -32.54
C TYR A 452 -8.54 3.29 -33.93
N SER A 453 -7.57 3.77 -34.70
CA SER A 453 -7.85 4.19 -36.06
C SER A 453 -7.26 3.10 -36.95
N ILE A 454 -8.11 2.42 -37.72
CA ILE A 454 -7.67 1.32 -38.56
C ILE A 454 -8.01 1.42 -40.05
N GLU A 455 -7.04 1.06 -40.89
CA GLU A 455 -7.25 1.10 -42.33
C GLU A 455 -7.86 -0.23 -42.77
N PRO A 456 -9.05 -0.18 -43.39
CA PRO A 456 -9.75 -1.40 -43.87
C PRO A 456 -8.83 -2.32 -44.67
N LEU A 457 -7.98 -1.73 -45.49
CA LEU A 457 -7.05 -2.49 -46.32
C LEU A 457 -6.06 -3.32 -45.52
N ASP A 458 -5.98 -3.09 -44.22
CA ASP A 458 -5.04 -3.87 -43.40
C ASP A 458 -5.67 -5.06 -42.71
N LEU A 459 -6.98 -5.23 -42.84
CA LEU A 459 -7.63 -6.35 -42.19
C LEU A 459 -6.90 -7.70 -42.37
N PRO A 460 -6.47 -8.02 -43.60
CA PRO A 460 -5.78 -9.30 -43.77
C PRO A 460 -4.60 -9.48 -42.83
N GLN A 461 -3.67 -8.53 -42.83
CA GLN A 461 -2.50 -8.62 -41.94
C GLN A 461 -2.99 -8.76 -40.52
N ILE A 462 -3.90 -7.87 -40.13
CA ILE A 462 -4.44 -7.85 -38.79
C ILE A 462 -4.98 -9.22 -38.37
N ILE A 463 -5.84 -9.78 -39.21
CA ILE A 463 -6.47 -11.07 -38.95
C ILE A 463 -5.47 -12.23 -38.80
N GLU A 464 -4.48 -12.29 -39.68
CA GLU A 464 -3.49 -13.35 -39.59
C GLU A 464 -2.65 -13.26 -38.32
N ARG A 465 -2.26 -12.04 -37.95
CA ARG A 465 -1.46 -11.87 -36.74
C ARG A 465 -2.27 -12.26 -35.51
N LEU A 466 -3.55 -11.90 -35.49
CA LEU A 466 -4.39 -12.18 -34.33
C LEU A 466 -5.01 -13.56 -34.25
N HIS A 467 -5.50 -14.09 -35.37
CA HIS A 467 -6.15 -15.40 -35.34
C HIS A 467 -5.42 -16.53 -36.03
N GLY A 468 -4.46 -16.17 -36.87
CA GLY A 468 -3.72 -17.17 -37.62
C GLY A 468 -4.33 -17.32 -39.01
N LEU A 469 -3.59 -17.91 -39.95
CA LEU A 469 -4.13 -18.09 -41.31
C LEU A 469 -5.40 -18.91 -41.36
N SER A 470 -5.66 -19.73 -40.35
CA SER A 470 -6.87 -20.55 -40.35
C SER A 470 -8.16 -19.72 -40.44
N ALA A 471 -8.16 -18.50 -39.93
CA ALA A 471 -9.36 -17.67 -40.00
C ALA A 471 -9.82 -17.45 -41.44
N PHE A 472 -9.00 -17.88 -42.39
CA PHE A 472 -9.31 -17.72 -43.80
C PHE A 472 -9.70 -19.05 -44.43
N THR A 473 -9.72 -20.12 -43.64
CA THR A 473 -10.05 -21.41 -44.20
C THR A 473 -10.96 -22.26 -43.35
N LEU A 474 -11.34 -21.78 -42.17
CA LEU A 474 -12.20 -22.57 -41.29
C LEU A 474 -13.45 -22.95 -42.04
N HIS A 475 -13.86 -24.19 -41.87
CA HIS A 475 -15.06 -24.67 -42.50
C HIS A 475 -15.64 -25.74 -41.59
N SER A 476 -16.77 -26.31 -41.98
CA SER A 476 -17.40 -27.34 -41.17
C SER A 476 -17.58 -26.85 -39.74
N TYR A 477 -18.31 -25.75 -39.57
CA TYR A 477 -18.57 -25.20 -38.24
C TYR A 477 -19.47 -26.17 -37.46
N SER A 478 -19.61 -25.95 -36.16
CA SER A 478 -20.42 -26.83 -35.33
C SER A 478 -21.92 -26.72 -35.58
N PRO A 479 -22.67 -27.83 -35.42
CA PRO A 479 -24.11 -27.75 -35.65
C PRO A 479 -24.77 -26.73 -34.69
N GLY A 480 -24.16 -26.51 -33.53
CA GLY A 480 -24.70 -25.54 -32.59
C GLY A 480 -24.54 -24.14 -33.15
N GLU A 481 -23.31 -23.84 -33.58
CA GLU A 481 -23.00 -22.53 -34.16
C GLU A 481 -23.80 -22.22 -35.42
N ILE A 482 -24.02 -23.23 -36.26
CA ILE A 482 -24.78 -23.04 -37.49
C ILE A 482 -26.24 -22.70 -37.18
N ASN A 483 -26.86 -23.45 -36.27
CA ASN A 483 -28.25 -23.19 -35.95
C ASN A 483 -28.37 -21.73 -35.50
N ARG A 484 -27.70 -21.40 -34.39
CA ARG A 484 -27.76 -20.05 -33.84
C ARG A 484 -27.71 -18.97 -34.89
N VAL A 485 -26.80 -19.08 -35.85
CA VAL A 485 -26.70 -18.06 -36.89
C VAL A 485 -27.93 -18.07 -37.78
N ALA A 486 -28.28 -19.26 -38.27
CA ALA A 486 -29.42 -19.42 -39.14
C ALA A 486 -30.65 -18.79 -38.54
N SER A 487 -31.06 -19.30 -37.38
CA SER A 487 -32.25 -18.81 -36.69
C SER A 487 -32.20 -17.28 -36.45
N CYS A 488 -31.01 -16.70 -36.44
CA CYS A 488 -30.85 -15.26 -36.26
C CYS A 488 -31.11 -14.57 -37.59
N LEU A 489 -30.46 -15.05 -38.65
CA LEU A 489 -30.68 -14.46 -39.97
C LEU A 489 -32.18 -14.43 -40.31
N ARG A 490 -32.90 -15.47 -39.89
CA ARG A 490 -34.35 -15.55 -40.13
C ARG A 490 -35.05 -14.44 -39.37
N LYS A 491 -34.73 -14.33 -38.08
CA LYS A 491 -35.32 -13.32 -37.21
C LYS A 491 -35.20 -11.91 -37.79
N LEU A 492 -33.97 -11.48 -38.04
CA LEU A 492 -33.66 -10.16 -38.58
C LEU A 492 -33.96 -9.95 -40.06
N GLY A 493 -34.18 -11.02 -40.81
CA GLY A 493 -34.47 -10.87 -42.22
C GLY A 493 -33.21 -10.64 -43.06
N VAL A 494 -32.14 -11.36 -42.75
CA VAL A 494 -30.89 -11.23 -43.49
C VAL A 494 -30.85 -12.28 -44.59
N PRO A 495 -30.38 -11.92 -45.80
CA PRO A 495 -30.31 -12.89 -46.90
C PRO A 495 -29.59 -14.18 -46.50
N PRO A 496 -29.87 -15.27 -47.22
CA PRO A 496 -29.29 -16.60 -46.99
C PRO A 496 -27.88 -16.73 -47.53
N LEU A 497 -27.26 -17.87 -47.28
CA LEU A 497 -25.91 -18.14 -47.73
C LEU A 497 -25.73 -17.84 -49.22
N ARG A 498 -26.57 -18.42 -50.05
CA ARG A 498 -26.44 -18.23 -51.49
C ARG A 498 -26.25 -16.76 -51.89
N THR A 499 -27.09 -15.89 -51.34
CA THR A 499 -27.00 -14.49 -51.68
C THR A 499 -25.64 -13.90 -51.31
N TRP A 500 -25.15 -14.20 -50.12
CA TRP A 500 -23.86 -13.65 -49.71
C TRP A 500 -22.70 -14.21 -50.53
N ARG A 501 -22.77 -15.48 -50.90
CA ARG A 501 -21.70 -16.06 -51.69
C ARG A 501 -21.63 -15.34 -53.03
N HIS A 502 -22.79 -15.12 -53.64
CA HIS A 502 -22.84 -14.44 -54.91
C HIS A 502 -22.26 -13.04 -54.72
N ARG A 503 -22.66 -12.37 -53.64
CA ARG A 503 -22.15 -11.03 -53.36
C ARG A 503 -20.67 -11.08 -53.13
N ALA A 504 -20.22 -12.01 -52.31
CA ALA A 504 -18.81 -12.10 -52.03
C ALA A 504 -17.98 -12.28 -53.30
N ARG A 505 -18.35 -13.27 -54.11
CA ARG A 505 -17.62 -13.56 -55.33
C ARG A 505 -17.45 -12.35 -56.22
N SER A 506 -18.44 -11.46 -56.21
CA SER A 506 -18.35 -10.25 -57.00
C SER A 506 -17.45 -9.24 -56.28
N VAL A 507 -17.60 -9.14 -54.97
CA VAL A 507 -16.75 -8.21 -54.25
C VAL A 507 -15.29 -8.64 -54.48
N ARG A 508 -15.06 -9.95 -54.47
CA ARG A 508 -13.72 -10.46 -54.64
C ARG A 508 -13.08 -10.10 -55.98
N ALA A 509 -13.77 -10.45 -57.07
CA ALA A 509 -13.26 -10.15 -58.40
C ALA A 509 -12.89 -8.67 -58.50
N LYS A 510 -13.83 -7.81 -58.12
CA LYS A 510 -13.60 -6.38 -58.16
C LYS A 510 -12.36 -6.01 -57.38
N LEU A 511 -12.13 -6.68 -56.26
CA LEU A 511 -10.96 -6.38 -55.46
C LEU A 511 -9.69 -6.85 -56.16
N LEU A 512 -9.63 -8.11 -56.55
CA LEU A 512 -8.45 -8.67 -57.21
C LEU A 512 -7.98 -7.86 -58.42
N SER A 513 -8.93 -7.28 -59.15
CA SER A 513 -8.56 -6.51 -60.32
C SER A 513 -7.81 -5.23 -59.93
N GLN A 514 -8.18 -4.67 -58.78
CA GLN A 514 -7.54 -3.47 -58.28
C GLN A 514 -6.10 -3.73 -57.89
N GLY A 515 -5.78 -4.97 -57.55
CA GLY A 515 -4.41 -5.28 -57.15
C GLY A 515 -4.06 -4.68 -55.80
N GLY A 516 -2.77 -4.49 -55.55
CA GLY A 516 -2.34 -3.93 -54.28
C GLY A 516 -2.99 -4.62 -53.10
N ARG A 517 -3.12 -3.90 -52.00
CA ARG A 517 -3.70 -4.44 -50.78
C ARG A 517 -5.14 -4.94 -51.00
N ALA A 518 -5.86 -4.27 -51.89
CA ALA A 518 -7.22 -4.68 -52.19
C ALA A 518 -7.19 -6.11 -52.71
N ALA A 519 -6.22 -6.37 -53.59
CA ALA A 519 -6.06 -7.71 -54.16
C ALA A 519 -5.86 -8.71 -53.03
N THR A 520 -5.18 -8.26 -51.98
CA THR A 520 -4.92 -9.12 -50.83
C THR A 520 -6.18 -9.39 -50.03
N CYS A 521 -6.99 -8.37 -49.81
CA CYS A 521 -8.21 -8.58 -49.03
C CYS A 521 -9.06 -9.58 -49.77
N GLY A 522 -9.10 -9.43 -51.09
CA GLY A 522 -9.87 -10.32 -51.92
C GLY A 522 -9.39 -11.75 -51.78
N ARG A 523 -8.11 -12.00 -52.03
CA ARG A 523 -7.57 -13.35 -51.95
C ARG A 523 -7.83 -14.11 -50.66
N TYR A 524 -7.58 -13.48 -49.51
CA TYR A 524 -7.78 -14.12 -48.20
C TYR A 524 -9.18 -14.01 -47.58
N LEU A 525 -9.75 -12.82 -47.59
CA LEU A 525 -11.05 -12.61 -46.98
C LEU A 525 -12.18 -13.38 -47.62
N PHE A 526 -12.14 -13.47 -48.94
CA PHE A 526 -13.21 -14.16 -49.63
C PHE A 526 -12.82 -15.46 -50.32
N ASN A 527 -11.85 -16.18 -49.76
CA ASN A 527 -11.44 -17.45 -50.37
C ASN A 527 -12.53 -18.50 -50.09
N TRP A 528 -13.36 -18.25 -49.08
CA TRP A 528 -14.43 -19.18 -48.74
C TRP A 528 -15.53 -19.18 -49.80
N ALA A 529 -15.57 -18.12 -50.59
CA ALA A 529 -16.57 -17.94 -51.63
C ALA A 529 -16.34 -18.69 -52.96
N VAL A 530 -15.10 -18.75 -53.44
CA VAL A 530 -14.84 -19.45 -54.69
C VAL A 530 -14.44 -20.91 -54.50
N ARG A 531 -14.69 -21.72 -55.53
CA ARG A 531 -14.36 -23.15 -55.52
C ARG A 531 -12.87 -23.37 -55.78
N THR A 532 -12.32 -22.65 -56.75
CA THR A 532 -10.90 -22.76 -57.07
C THR A 532 -10.10 -21.94 -56.06
N LYS A 533 -9.79 -22.56 -54.93
CA LYS A 533 -9.04 -21.89 -53.86
C LYS A 533 -7.68 -21.40 -54.33
N LEU A 534 -7.03 -20.63 -53.47
CA LEU A 534 -5.72 -20.07 -53.75
C LEU A 534 -4.81 -20.27 -52.54
N LYS A 535 -3.76 -21.09 -52.66
CA LYS A 535 -2.85 -21.31 -51.53
C LYS A 535 -2.64 -19.96 -50.83
N LEU A 536 -2.99 -19.92 -49.55
CA LEU A 536 -2.85 -18.69 -48.79
C LEU A 536 -1.60 -18.77 -47.94
N THR A 537 -0.52 -18.16 -48.43
CA THR A 537 0.75 -18.15 -47.71
C THR A 537 0.82 -16.96 -46.73
N PRO A 538 1.77 -17.01 -45.77
CA PRO A 538 1.88 -15.91 -44.81
C PRO A 538 2.03 -14.54 -45.45
N ILE A 539 1.16 -13.62 -45.06
CA ILE A 539 1.20 -12.25 -45.58
C ILE A 539 2.42 -11.60 -44.93
N PRO A 540 3.37 -11.13 -45.76
CA PRO A 540 4.59 -10.49 -45.25
C PRO A 540 4.30 -9.45 -44.17
N ALA A 541 3.61 -8.39 -44.57
CA ALA A 541 3.29 -7.31 -43.67
C ALA A 541 2.94 -7.75 -42.25
N ALA A 542 2.23 -8.87 -42.13
CA ALA A 542 1.80 -9.41 -40.83
C ALA A 542 2.93 -9.69 -39.83
N SER A 543 4.12 -10.00 -40.35
CA SER A 543 5.27 -10.28 -39.50
C SER A 543 5.89 -8.97 -39.02
N GLN A 544 5.30 -7.87 -39.45
CA GLN A 544 5.79 -6.54 -39.08
C GLN A 544 4.70 -5.70 -38.41
N LEU A 545 3.85 -6.33 -37.60
CA LEU A 545 2.77 -5.64 -36.89
C LEU A 545 3.00 -5.53 -35.38
N ASP A 546 2.72 -4.36 -34.82
CA ASP A 546 2.88 -4.18 -33.38
C ASP A 546 1.48 -4.05 -32.81
N LEU A 547 0.84 -5.18 -32.58
CA LEU A 547 -0.50 -5.19 -32.03
C LEU A 547 -0.42 -5.49 -30.55
N SER A 548 0.70 -5.13 -29.94
CA SER A 548 0.88 -5.38 -28.52
C SER A 548 -0.07 -4.56 -27.65
N GLY A 549 -0.01 -3.25 -27.82
CA GLY A 549 -0.84 -2.37 -27.04
C GLY A 549 -2.33 -2.60 -27.21
N TRP A 550 -2.69 -3.46 -28.16
CA TRP A 550 -4.09 -3.76 -28.43
C TRP A 550 -4.73 -4.58 -27.32
N PHE A 551 -3.94 -5.41 -26.67
CA PHE A 551 -4.48 -6.24 -25.62
C PHE A 551 -3.67 -6.16 -24.33
N VAL A 552 -3.85 -5.08 -23.59
CA VAL A 552 -3.13 -4.90 -22.34
C VAL A 552 -4.11 -4.72 -21.17
N ALA A 553 -5.03 -3.79 -21.33
CA ALA A 553 -6.00 -3.49 -20.29
C ALA A 553 -7.34 -3.07 -20.87
N GLY A 554 -8.35 -2.98 -20.00
CA GLY A 554 -9.66 -2.55 -20.41
C GLY A 554 -9.77 -1.05 -20.17
N TYR A 555 -10.58 -0.37 -20.97
CA TYR A 555 -10.74 1.09 -20.86
C TYR A 555 -12.17 1.57 -21.11
N SER A 556 -13.13 0.66 -21.19
CA SER A 556 -14.50 1.07 -21.44
C SER A 556 -14.88 2.23 -20.52
N GLY A 557 -15.39 3.29 -21.12
CA GLY A 557 -15.81 4.44 -20.36
C GLY A 557 -14.68 5.26 -19.77
N GLY A 558 -13.46 4.95 -20.21
CA GLY A 558 -12.29 5.65 -19.71
C GLY A 558 -11.76 6.78 -20.57
N ASP A 559 -12.44 7.11 -21.67
CA ASP A 559 -11.98 8.22 -22.51
C ASP A 559 -10.54 8.01 -23.00
N ILE A 560 -10.28 6.82 -23.55
CA ILE A 560 -8.96 6.48 -24.06
C ILE A 560 -8.88 6.25 -25.57
N TYR A 561 -7.90 6.92 -26.17
CA TYR A 561 -7.64 6.84 -27.60
C TYR A 561 -6.17 6.51 -27.79
N HIS A 562 -5.88 5.48 -28.59
CA HIS A 562 -4.50 5.11 -28.86
C HIS A 562 -4.05 5.54 -30.26
N SER A 563 -3.54 6.76 -30.34
CA SER A 563 -3.06 7.29 -31.60
C SER A 563 -2.15 6.28 -32.28
N SER B 1 20.54 17.00 -0.87
CA SER B 1 20.31 18.35 -0.30
C SER B 1 20.99 18.52 1.07
N MET B 2 20.99 19.74 1.61
CA MET B 2 21.59 20.00 2.91
C MET B 2 20.62 19.55 4.02
N SER B 3 21.16 18.84 5.00
CA SER B 3 20.34 18.37 6.12
C SER B 3 19.83 19.58 6.91
N TYR B 4 20.62 20.64 6.96
CA TYR B 4 20.24 21.85 7.67
C TYR B 4 20.78 23.10 6.98
N THR B 5 20.09 24.21 7.26
CA THR B 5 20.43 25.54 6.77
C THR B 5 20.17 26.37 8.04
N TRP B 6 21.12 27.22 8.44
CA TRP B 6 20.92 28.02 9.65
C TRP B 6 20.81 29.51 9.39
N THR B 7 19.85 30.15 10.01
CA THR B 7 19.66 31.58 9.81
C THR B 7 20.69 32.39 10.57
N GLY B 8 21.09 31.91 11.74
CA GLY B 8 22.06 32.62 12.55
C GLY B 8 21.53 32.75 13.96
N ALA B 9 20.22 32.64 14.12
CA ALA B 9 19.58 32.73 15.44
C ALA B 9 20.01 31.49 16.20
N LEU B 10 20.36 31.66 17.47
CA LEU B 10 20.82 30.54 18.29
C LEU B 10 19.74 29.60 18.83
N ILE B 11 20.19 28.43 19.28
CA ILE B 11 19.31 27.45 19.87
C ILE B 11 19.37 27.87 21.34
N THR B 12 18.28 28.45 21.82
CA THR B 12 18.21 28.95 23.17
C THR B 12 17.44 28.07 24.16
N PRO B 13 17.77 28.17 25.45
CA PRO B 13 17.10 27.37 26.47
C PRO B 13 15.78 28.01 26.87
N CYS B 14 14.86 27.23 27.43
CA CYS B 14 13.57 27.78 27.87
C CYS B 14 13.59 28.19 29.36
N ALA B 15 14.53 27.65 30.12
CA ALA B 15 14.66 27.96 31.55
C ALA B 15 16.14 27.85 31.94
N ALA B 16 16.43 27.88 33.24
CA ALA B 16 17.83 27.76 33.70
C ALA B 16 18.41 26.40 33.30
N GLU B 17 19.67 26.40 32.84
CA GLU B 17 20.36 25.17 32.44
C GLU B 17 21.50 24.76 33.37
N GLU B 18 21.32 23.64 34.05
CA GLU B 18 22.35 23.14 34.95
C GLU B 18 23.39 22.36 34.13
N SER B 19 24.66 22.51 34.49
CA SER B 19 25.75 21.83 33.77
C SER B 19 26.60 20.92 34.68
N LYS B 20 26.53 21.12 35.99
CA LYS B 20 27.31 20.32 36.94
C LYS B 20 26.50 19.88 38.18
N LEU B 21 27.11 19.03 39.00
CA LEU B 21 26.47 18.55 40.23
C LEU B 21 26.45 19.70 41.24
N PRO B 22 25.48 19.70 42.17
CA PRO B 22 25.39 20.77 43.17
C PRO B 22 26.69 20.99 43.98
N ILE B 23 26.99 22.26 44.28
CA ILE B 23 28.17 22.58 45.08
C ILE B 23 28.09 21.72 46.35
N ASN B 24 28.91 20.68 46.40
CA ASN B 24 28.91 19.74 47.52
C ASN B 24 27.64 18.93 47.31
N PRO B 25 27.72 17.86 46.50
CA PRO B 25 26.60 16.95 46.17
C PRO B 25 26.18 15.98 47.27
N LEU B 26 24.90 15.65 47.28
CA LEU B 26 24.37 14.69 48.26
C LEU B 26 24.80 13.34 47.73
N SER B 27 25.17 13.37 46.46
CA SER B 27 25.61 12.19 45.71
C SER B 27 27.07 11.85 45.98
N ASN B 28 27.69 12.61 46.89
CA ASN B 28 29.09 12.34 47.21
C ASN B 28 29.23 10.90 47.66
N SER B 29 28.23 10.39 48.38
CA SER B 29 28.25 9.01 48.89
C SER B 29 28.16 7.97 47.76
N LEU B 30 27.64 8.41 46.61
CA LEU B 30 27.56 7.55 45.44
C LEU B 30 28.91 7.59 44.71
N LEU B 31 29.51 8.77 44.61
CA LEU B 31 30.80 8.92 43.95
C LEU B 31 31.46 10.24 44.35
N ARG B 32 32.79 10.24 44.49
CA ARG B 32 33.51 11.47 44.90
C ARG B 32 34.02 12.27 43.70
N HIS B 33 34.34 11.59 42.61
CA HIS B 33 34.85 12.30 41.44
C HIS B 33 33.74 12.94 40.67
N HIS B 34 33.04 13.88 41.30
CA HIS B 34 31.90 14.56 40.66
C HIS B 34 32.28 15.32 39.40
N ASN B 35 33.48 15.89 39.37
CA ASN B 35 33.92 16.64 38.21
C ASN B 35 33.97 15.80 36.93
N MET B 36 33.80 14.49 37.08
CA MET B 36 33.80 13.56 35.95
C MET B 36 32.40 13.51 35.31
N VAL B 37 31.41 14.08 36.01
CA VAL B 37 30.01 14.10 35.58
C VAL B 37 29.55 15.46 35.08
N TYR B 38 28.98 15.52 33.88
CA TYR B 38 28.47 16.77 33.31
C TYR B 38 27.13 16.56 32.59
N ALA B 39 26.34 17.63 32.53
CA ALA B 39 25.05 17.57 31.85
C ALA B 39 25.13 18.54 30.67
N THR B 40 24.80 18.07 29.46
CA THR B 40 24.87 18.92 28.28
C THR B 40 23.88 20.08 28.38
N THR B 41 24.23 21.18 27.74
CA THR B 41 23.41 22.37 27.74
C THR B 41 23.40 22.98 26.35
N SER B 42 22.70 24.09 26.21
CA SER B 42 22.58 24.79 24.95
C SER B 42 23.88 25.46 24.54
N ARG B 43 24.80 25.61 25.49
CA ARG B 43 26.07 26.26 25.18
C ARG B 43 26.81 25.51 24.08
N SER B 44 26.75 24.19 24.12
CA SER B 44 27.43 23.38 23.12
C SER B 44 26.56 23.03 21.93
N ALA B 45 25.45 23.75 21.76
CA ALA B 45 24.57 23.44 20.64
C ALA B 45 25.29 23.63 19.30
N SER B 46 26.08 24.69 19.24
CA SER B 46 26.85 25.05 18.06
C SER B 46 27.73 23.93 17.51
N LEU B 47 28.31 23.15 18.41
CA LEU B 47 29.19 22.06 18.03
C LEU B 47 28.39 20.92 17.41
N ARG B 48 27.23 20.63 18.00
CA ARG B 48 26.37 19.57 17.48
C ARG B 48 26.00 19.90 16.05
N GLN B 49 25.46 21.11 15.86
CA GLN B 49 25.05 21.60 14.56
C GLN B 49 26.10 21.40 13.47
N LYS B 50 27.35 21.76 13.76
CA LYS B 50 28.38 21.58 12.76
C LYS B 50 28.50 20.12 12.36
N LYS B 51 28.23 19.23 13.31
CA LYS B 51 28.32 17.80 13.06
C LYS B 51 27.13 17.22 12.29
N VAL B 52 25.95 17.80 12.43
CA VAL B 52 24.78 17.29 11.72
C VAL B 52 24.49 18.03 10.41
N THR B 53 25.33 18.98 10.02
CA THR B 53 25.11 19.73 8.80
C THR B 53 26.03 19.32 7.66
N PHE B 54 25.46 18.81 6.57
CA PHE B 54 26.25 18.36 5.43
C PHE B 54 25.34 17.97 4.26
N ASP B 55 25.92 17.84 3.08
CA ASP B 55 25.16 17.47 1.90
C ASP B 55 24.97 15.95 1.86
N ARG B 56 23.79 15.51 1.43
CA ARG B 56 23.55 14.08 1.32
C ARG B 56 23.56 13.65 -0.14
N LEU B 57 24.49 12.76 -0.47
CA LEU B 57 24.54 12.21 -1.82
C LEU B 57 24.05 10.78 -1.65
N GLN B 58 22.85 10.51 -2.14
CA GLN B 58 22.23 9.19 -2.04
C GLN B 58 22.04 8.59 -3.44
N VAL B 59 22.38 7.31 -3.58
CA VAL B 59 22.25 6.58 -4.84
C VAL B 59 21.68 5.21 -4.54
N LEU B 60 20.59 4.87 -5.22
CA LEU B 60 19.92 3.60 -4.99
C LEU B 60 20.08 2.59 -6.14
N ASP B 61 20.21 1.32 -5.78
CA ASP B 61 20.39 0.25 -6.76
C ASP B 61 19.24 -0.79 -6.70
N ASP B 62 19.36 -1.85 -7.50
CA ASP B 62 18.33 -2.90 -7.53
C ASP B 62 18.13 -3.64 -6.21
N HIS B 63 19.21 -3.88 -5.47
CA HIS B 63 19.06 -4.58 -4.20
C HIS B 63 18.18 -3.74 -3.27
N TYR B 64 18.34 -2.42 -3.37
CA TYR B 64 17.54 -1.51 -2.57
C TYR B 64 16.09 -1.62 -2.98
N ARG B 65 15.87 -1.58 -4.29
CA ARG B 65 14.51 -1.66 -4.83
C ARG B 65 13.82 -2.99 -4.51
N ASP B 66 14.59 -4.07 -4.51
CA ASP B 66 14.05 -5.39 -4.21
C ASP B 66 13.64 -5.52 -2.75
N VAL B 67 14.52 -5.10 -1.85
CA VAL B 67 14.21 -5.20 -0.45
C VAL B 67 13.01 -4.33 -0.10
N LEU B 68 12.90 -3.16 -0.72
CA LEU B 68 11.77 -2.29 -0.43
C LEU B 68 10.48 -3.02 -0.77
N LYS B 69 10.44 -3.62 -1.96
CA LYS B 69 9.25 -4.36 -2.38
C LYS B 69 8.84 -5.45 -1.40
N GLU B 70 9.81 -6.20 -0.87
CA GLU B 70 9.50 -7.27 0.05
C GLU B 70 8.88 -6.71 1.31
N MET B 71 9.46 -5.63 1.81
CA MET B 71 8.97 -4.99 3.02
C MET B 71 7.53 -4.54 2.83
N LYS B 72 7.26 -3.90 1.68
CA LYS B 72 5.92 -3.42 1.41
C LYS B 72 4.93 -4.58 1.31
N ALA B 73 5.44 -5.73 0.87
CA ALA B 73 4.61 -6.91 0.71
C ALA B 73 4.13 -7.44 2.08
N LYS B 74 4.99 -7.33 3.08
CA LYS B 74 4.62 -7.79 4.42
C LYS B 74 3.79 -6.71 5.09
N ALA B 75 4.09 -5.46 4.74
CA ALA B 75 3.36 -4.34 5.31
C ALA B 75 1.90 -4.34 4.86
N SER B 76 1.65 -4.89 3.69
CA SER B 76 0.29 -4.89 3.15
C SER B 76 -0.68 -5.78 3.89
N THR B 77 -0.20 -6.57 4.85
CA THR B 77 -1.09 -7.45 5.61
C THR B 77 -1.60 -6.73 6.87
N VAL B 78 -1.03 -5.58 7.18
CA VAL B 78 -1.42 -4.83 8.36
C VAL B 78 -2.68 -3.97 8.26
N LYS B 79 -3.57 -4.10 9.25
CA LYS B 79 -4.77 -3.28 9.30
C LYS B 79 -4.59 -2.31 10.48
N ALA B 80 -4.50 -1.01 10.21
CA ALA B 80 -4.31 -0.01 11.25
C ALA B 80 -5.55 0.71 11.72
N LYS B 81 -5.75 0.74 13.03
CA LYS B 81 -6.90 1.40 13.62
C LYS B 81 -6.64 2.89 13.90
N LEU B 82 -7.63 3.72 13.60
CA LEU B 82 -7.55 5.16 13.83
C LEU B 82 -7.97 5.40 15.29
N LEU B 83 -7.14 6.10 16.04
CA LEU B 83 -7.47 6.40 17.45
C LEU B 83 -8.41 7.59 17.55
N SER B 84 -9.31 7.56 18.52
CA SER B 84 -10.20 8.70 18.70
C SER B 84 -9.33 9.75 19.38
N ILE B 85 -9.88 10.94 19.58
CA ILE B 85 -9.12 11.99 20.23
C ILE B 85 -8.90 11.69 21.72
N GLU B 86 -9.86 11.01 22.34
CA GLU B 86 -9.77 10.66 23.76
C GLU B 86 -8.62 9.69 23.98
N GLU B 87 -8.55 8.68 23.12
CA GLU B 87 -7.50 7.67 23.19
C GLU B 87 -6.14 8.33 23.00
N ALA B 88 -6.06 9.28 22.07
CA ALA B 88 -4.81 10.00 21.80
C ALA B 88 -4.40 10.78 23.05
N CYS B 89 -5.33 11.55 23.58
CA CYS B 89 -5.06 12.34 24.77
C CYS B 89 -4.53 11.50 25.93
N LYS B 90 -5.11 10.33 26.13
CA LYS B 90 -4.70 9.46 27.22
C LYS B 90 -3.28 8.92 27.04
N LEU B 91 -2.71 9.11 25.84
CA LEU B 91 -1.36 8.66 25.53
C LEU B 91 -0.32 9.76 25.72
N THR B 92 -0.77 10.97 26.03
CA THR B 92 0.11 12.11 26.21
C THR B 92 0.76 12.16 27.60
N PRO B 93 2.07 12.43 27.66
CA PRO B 93 2.73 12.51 28.98
C PRO B 93 2.33 13.76 29.74
N PRO B 94 1.94 13.59 31.01
CA PRO B 94 1.52 14.71 31.87
C PRO B 94 2.55 15.84 31.82
N HIS B 95 3.77 15.48 31.47
CA HIS B 95 4.88 16.43 31.40
C HIS B 95 5.26 16.91 29.99
N SER B 96 4.52 16.49 28.98
CA SER B 96 4.78 16.88 27.60
C SER B 96 4.68 18.41 27.45
N ALA B 97 5.56 18.99 26.62
CA ALA B 97 5.61 20.43 26.40
C ALA B 97 4.25 21.06 26.09
N LYS B 98 3.93 22.14 26.79
CA LYS B 98 2.67 22.83 26.58
C LYS B 98 2.58 23.40 25.17
N SER B 99 1.35 23.62 24.72
CA SER B 99 1.11 24.16 23.39
C SER B 99 1.13 25.68 23.42
N LYS B 100 1.67 26.29 22.37
CA LYS B 100 1.75 27.75 22.28
C LYS B 100 0.35 28.34 22.11
N PHE B 101 -0.65 27.46 22.03
CA PHE B 101 -2.02 27.90 21.84
C PHE B 101 -2.89 28.05 23.09
N GLY B 102 -2.25 28.10 24.27
CA GLY B 102 -3.02 28.31 25.48
C GLY B 102 -3.44 27.13 26.33
N TYR B 103 -2.66 26.05 26.30
CA TYR B 103 -2.99 24.90 27.12
C TYR B 103 -1.82 23.95 27.25
N GLY B 104 -1.99 22.91 28.07
CA GLY B 104 -0.90 21.98 28.29
C GLY B 104 -1.29 20.53 28.43
N ALA B 105 -0.30 19.70 28.70
CA ALA B 105 -0.47 18.26 28.86
C ALA B 105 -1.67 17.93 29.73
N LYS B 106 -1.76 18.61 30.87
CA LYS B 106 -2.82 18.39 31.84
C LYS B 106 -4.19 18.63 31.23
N ASP B 107 -4.27 19.67 30.42
CA ASP B 107 -5.52 20.00 29.76
C ASP B 107 -5.83 18.86 28.80
N VAL B 108 -4.86 18.54 27.95
CA VAL B 108 -4.99 17.46 26.99
C VAL B 108 -5.51 16.21 27.69
N ARG B 109 -4.79 15.76 28.71
CA ARG B 109 -5.18 14.57 29.47
C ARG B 109 -6.56 14.66 30.10
N ASN B 110 -6.97 15.84 30.56
CA ASN B 110 -8.28 16.00 31.19
C ASN B 110 -9.34 16.37 30.17
N LEU B 111 -8.96 16.29 28.90
CA LEU B 111 -9.86 16.60 27.79
C LEU B 111 -10.63 17.90 28.00
N SER B 112 -9.92 19.03 28.06
CA SER B 112 -10.60 20.32 28.23
C SER B 112 -10.93 20.88 26.86
N SER B 113 -12.04 21.60 26.76
CA SER B 113 -12.45 22.15 25.49
C SER B 113 -11.33 22.90 24.76
N ARG B 114 -10.72 23.87 25.40
CA ARG B 114 -9.66 24.62 24.74
C ARG B 114 -8.74 23.69 23.94
N ALA B 115 -8.30 22.62 24.58
CA ALA B 115 -7.40 21.66 23.94
C ALA B 115 -8.09 20.78 22.91
N VAL B 116 -9.23 20.20 23.29
CA VAL B 116 -9.98 19.32 22.39
C VAL B 116 -10.31 20.03 21.10
N ASN B 117 -10.77 21.27 21.24
CA ASN B 117 -11.13 22.05 20.07
C ASN B 117 -9.90 22.31 19.22
N HIS B 118 -8.79 22.66 19.85
CA HIS B 118 -7.60 22.93 19.06
C HIS B 118 -7.11 21.67 18.36
N ILE B 119 -7.30 20.53 19.01
CA ILE B 119 -6.87 19.27 18.42
C ILE B 119 -7.67 19.07 17.15
N ARG B 120 -8.99 19.17 17.25
CA ARG B 120 -9.85 19.00 16.08
C ARG B 120 -9.48 19.96 14.99
N SER B 121 -9.13 21.18 15.36
CA SER B 121 -8.76 22.17 14.35
C SER B 121 -7.47 21.75 13.66
N VAL B 122 -6.54 21.19 14.41
CA VAL B 122 -5.28 20.77 13.84
C VAL B 122 -5.52 19.60 12.87
N TRP B 123 -6.46 18.75 13.20
CA TRP B 123 -6.77 17.60 12.39
C TRP B 123 -7.41 18.04 11.06
N GLU B 124 -8.39 18.92 11.15
CA GLU B 124 -9.08 19.43 9.98
C GLU B 124 -8.12 20.17 9.08
N ASP B 125 -7.18 20.88 9.68
CA ASP B 125 -6.20 21.62 8.90
C ASP B 125 -5.38 20.65 8.08
N LEU B 126 -5.17 19.45 8.61
CA LEU B 126 -4.42 18.43 7.90
C LEU B 126 -5.14 17.99 6.64
N LEU B 127 -6.46 17.98 6.69
CA LEU B 127 -7.26 17.58 5.53
C LEU B 127 -7.44 18.75 4.57
N GLU B 128 -7.36 19.99 5.09
CA GLU B 128 -7.52 21.18 4.26
C GLU B 128 -6.19 21.68 3.67
N ASP B 129 -5.06 21.33 4.31
CA ASP B 129 -3.76 21.77 3.83
C ASP B 129 -2.77 20.62 3.64
N THR B 130 -2.36 20.40 2.41
CA THR B 130 -1.45 19.31 2.11
C THR B 130 -0.03 19.75 1.78
N GLU B 131 0.29 21.04 1.92
CA GLU B 131 1.62 21.54 1.57
C GLU B 131 2.42 22.28 2.66
N THR B 132 1.86 23.38 3.14
CA THR B 132 2.49 24.22 4.14
C THR B 132 3.23 23.51 5.25
N PRO B 133 4.55 23.75 5.33
CA PRO B 133 5.41 23.13 6.35
C PRO B 133 4.91 23.52 7.73
N ILE B 134 4.92 22.56 8.65
CA ILE B 134 4.48 22.80 10.01
C ILE B 134 5.63 23.20 10.91
N ASP B 135 5.44 24.29 11.66
CA ASP B 135 6.47 24.79 12.55
C ASP B 135 6.94 23.74 13.55
N THR B 136 8.19 23.87 13.96
CA THR B 136 8.77 22.96 14.96
C THR B 136 9.64 23.80 15.90
N THR B 137 9.97 23.23 17.05
CA THR B 137 10.82 23.91 18.02
C THR B 137 12.08 23.07 18.18
N ILE B 138 13.23 23.72 18.05
CA ILE B 138 14.51 23.03 18.18
C ILE B 138 15.14 23.45 19.52
N MET B 139 15.57 22.44 20.30
CA MET B 139 16.19 22.65 21.61
C MET B 139 17.44 21.78 21.73
N ALA B 140 18.26 22.09 22.73
CA ALA B 140 19.45 21.30 23.02
C ALA B 140 18.99 20.36 24.13
N LYS B 141 19.08 19.05 23.92
CA LYS B 141 18.63 18.14 24.95
C LYS B 141 19.59 18.18 26.15
N SER B 142 19.08 17.78 27.31
CA SER B 142 19.90 17.80 28.50
C SER B 142 20.14 16.38 28.96
N GLU B 143 21.36 15.89 28.84
CA GLU B 143 21.70 14.51 29.25
C GLU B 143 23.01 14.43 30.04
N VAL B 144 23.03 13.58 31.06
CA VAL B 144 24.21 13.39 31.90
C VAL B 144 25.18 12.35 31.36
N PHE B 145 26.47 12.70 31.35
CA PHE B 145 27.55 11.82 30.88
C PHE B 145 28.82 11.96 31.73
N CYS B 146 29.72 10.97 31.62
CA CYS B 146 30.98 11.02 32.34
C CYS B 146 32.07 11.40 31.33
N VAL B 147 32.79 12.49 31.57
CA VAL B 147 33.83 12.92 30.63
C VAL B 147 34.75 11.76 30.23
N GLY B 153 36.52 14.56 24.63
CA GLY B 153 36.46 14.94 26.08
C GLY B 153 35.04 14.97 26.62
N ARG B 154 34.16 15.68 25.89
CA ARG B 154 32.76 15.85 26.23
C ARG B 154 31.94 15.96 24.95
N LYS B 155 30.90 15.14 24.83
CA LYS B 155 30.07 15.16 23.62
C LYS B 155 29.07 16.32 23.70
N PRO B 156 28.87 17.04 22.58
CA PRO B 156 27.92 18.15 22.60
C PRO B 156 26.45 17.71 22.70
N ALA B 157 25.57 18.65 23.02
CA ALA B 157 24.15 18.36 23.18
C ALA B 157 23.42 17.83 21.94
N ARG B 158 22.40 17.03 22.17
CA ARG B 158 21.58 16.50 21.09
C ARG B 158 20.52 17.56 20.80
N LEU B 159 20.27 17.82 19.52
CA LEU B 159 19.25 18.80 19.14
C LEU B 159 17.96 18.02 18.94
N ILE B 160 16.87 18.50 19.53
CA ILE B 160 15.58 17.84 19.43
C ILE B 160 14.58 18.70 18.65
N VAL B 161 13.95 18.11 17.64
CA VAL B 161 13.01 18.87 16.85
C VAL B 161 11.61 18.28 16.96
N PHE B 162 10.70 19.09 17.50
CA PHE B 162 9.31 18.67 17.71
C PHE B 162 8.31 19.78 17.40
N PRO B 163 7.12 19.42 16.91
CA PRO B 163 6.03 20.32 16.56
C PRO B 163 5.13 20.53 17.77
N ASP B 164 4.22 21.48 17.69
CA ASP B 164 3.32 21.78 18.81
C ASP B 164 2.58 20.56 19.33
N LEU B 165 2.13 20.68 20.57
CA LEU B 165 1.40 19.63 21.27
C LEU B 165 0.19 19.13 20.49
N GLY B 166 -0.55 20.06 19.89
CA GLY B 166 -1.73 19.71 19.12
C GLY B 166 -1.46 18.81 17.94
N VAL B 167 -0.34 19.03 17.28
CA VAL B 167 0.05 18.21 16.15
C VAL B 167 0.37 16.84 16.72
N ARG B 168 1.13 16.84 17.82
CA ARG B 168 1.54 15.59 18.46
C ARG B 168 0.35 14.71 18.79
N VAL B 169 -0.81 15.32 19.04
CA VAL B 169 -1.99 14.54 19.37
C VAL B 169 -2.58 13.96 18.09
N CYS B 170 -2.56 14.72 17.01
CA CYS B 170 -3.10 14.23 15.75
C CYS B 170 -2.26 13.08 15.22
N GLU B 171 -0.94 13.19 15.36
CA GLU B 171 -0.03 12.14 14.91
C GLU B 171 -0.47 10.82 15.52
N LYS B 172 -0.69 10.83 16.83
CA LYS B 172 -1.14 9.63 17.55
C LYS B 172 -2.42 9.03 16.94
N MET B 173 -3.43 9.85 16.69
CA MET B 173 -4.67 9.34 16.11
C MET B 173 -4.42 8.69 14.75
N ALA B 174 -3.54 9.32 13.97
CA ALA B 174 -3.22 8.83 12.64
C ALA B 174 -2.17 7.71 12.54
N LEU B 175 -1.14 7.75 13.36
CA LEU B 175 -0.07 6.79 13.26
C LEU B 175 0.31 5.92 14.46
N TYR B 176 -0.32 6.09 15.62
CA TYR B 176 0.04 5.29 16.79
C TYR B 176 -0.01 3.79 16.57
N ASP B 177 -1.14 3.29 16.08
CA ASP B 177 -1.28 1.87 15.84
C ASP B 177 -0.32 1.44 14.73
N VAL B 178 -0.17 2.27 13.71
CA VAL B 178 0.74 1.93 12.62
C VAL B 178 2.17 1.77 13.14
N VAL B 179 2.65 2.72 13.94
CA VAL B 179 4.01 2.61 14.46
C VAL B 179 4.17 1.53 15.53
N SER B 180 3.07 0.99 16.01
CA SER B 180 3.10 -0.05 17.04
C SER B 180 2.90 -1.46 16.49
N THR B 181 2.71 -1.63 15.19
CA THR B 181 2.45 -2.96 14.65
C THR B 181 3.14 -3.29 13.33
N LEU B 182 3.26 -2.31 12.46
CA LEU B 182 3.91 -2.49 11.16
C LEU B 182 5.37 -2.91 11.25
N PRO B 183 6.16 -2.28 12.14
CA PRO B 183 7.58 -2.63 12.27
C PRO B 183 7.81 -4.14 12.36
N GLN B 184 7.08 -4.78 13.28
CA GLN B 184 7.21 -6.21 13.47
C GLN B 184 6.67 -7.04 12.32
N ALA B 185 5.56 -6.59 11.74
CA ALA B 185 4.98 -7.32 10.63
C ALA B 185 5.90 -7.26 9.41
N VAL B 186 6.70 -6.21 9.31
CA VAL B 186 7.61 -6.06 8.18
C VAL B 186 8.98 -6.71 8.40
N MET B 187 9.58 -6.45 9.56
CA MET B 187 10.90 -7.00 9.82
C MET B 187 10.95 -8.27 10.68
N GLY B 188 9.81 -8.69 11.21
CA GLY B 188 9.78 -9.88 12.03
C GLY B 188 10.73 -9.94 13.21
N SER B 189 11.26 -11.13 13.46
CA SER B 189 12.19 -11.35 14.57
C SER B 189 13.29 -10.33 14.60
N SER B 190 13.56 -9.67 13.48
CA SER B 190 14.61 -8.65 13.41
C SER B 190 14.28 -7.35 14.15
N TYR B 191 13.01 -7.15 14.50
CA TYR B 191 12.58 -5.93 15.19
C TYR B 191 12.93 -6.01 16.67
N GLY B 192 14.04 -5.39 17.02
CA GLY B 192 14.50 -5.44 18.40
C GLY B 192 13.59 -4.96 19.50
N PHE B 193 12.74 -3.99 19.20
CA PHE B 193 11.86 -3.45 20.23
C PHE B 193 10.75 -4.34 20.78
N GLN B 194 10.62 -5.54 20.24
CA GLN B 194 9.61 -6.50 20.67
C GLN B 194 10.14 -7.38 21.80
N TYR B 195 11.46 -7.36 21.96
CA TYR B 195 12.12 -8.20 22.95
C TYR B 195 12.49 -7.54 24.26
N SER B 196 12.14 -8.19 25.38
CA SER B 196 12.53 -7.67 26.69
C SER B 196 13.99 -8.08 26.77
N PRO B 197 14.75 -7.49 27.69
CA PRO B 197 16.17 -7.81 27.86
C PRO B 197 16.47 -9.31 27.78
N LYS B 198 15.71 -10.10 28.53
CA LYS B 198 15.91 -11.54 28.54
C LYS B 198 15.76 -12.13 27.14
N GLN B 199 14.71 -11.73 26.43
CA GLN B 199 14.44 -12.22 25.10
C GLN B 199 15.39 -11.72 24.04
N ARG B 200 15.92 -10.52 24.23
CA ARG B 200 16.88 -10.01 23.26
C ARG B 200 18.09 -10.93 23.33
N VAL B 201 18.59 -11.15 24.54
CA VAL B 201 19.75 -12.03 24.70
C VAL B 201 19.39 -13.38 24.08
N GLU B 202 18.18 -13.85 24.37
CA GLU B 202 17.73 -15.12 23.84
C GLU B 202 17.83 -15.15 22.32
N PHE B 203 17.46 -14.07 21.65
CA PHE B 203 17.53 -14.04 20.19
C PHE B 203 18.96 -14.02 19.66
N LEU B 204 19.84 -13.26 20.31
CA LEU B 204 21.23 -13.18 19.86
C LEU B 204 21.98 -14.51 19.98
N VAL B 205 21.70 -15.25 21.05
CA VAL B 205 22.34 -16.54 21.29
C VAL B 205 21.99 -17.56 20.22
N ASN B 206 20.72 -17.96 20.23
CA ASN B 206 20.26 -18.92 19.25
C ASN B 206 20.74 -18.49 17.87
N THR B 207 20.63 -17.20 17.57
CA THR B 207 21.06 -16.69 16.26
C THR B 207 22.52 -17.01 16.00
N TRP B 208 23.36 -16.66 16.97
CA TRP B 208 24.80 -16.87 16.89
C TRP B 208 25.20 -18.35 16.75
N LYS B 209 24.45 -19.24 17.42
CA LYS B 209 24.73 -20.68 17.35
C LYS B 209 24.25 -21.30 16.04
N SER B 210 23.18 -20.72 15.49
CA SER B 210 22.57 -21.21 14.25
C SER B 210 23.49 -21.09 13.04
N LYS B 211 24.65 -20.48 13.22
CA LYS B 211 25.61 -20.35 12.12
C LYS B 211 26.72 -21.36 12.41
N LYS B 212 27.34 -21.91 11.36
CA LYS B 212 28.44 -22.86 11.57
C LYS B 212 29.59 -22.13 12.26
N CYS B 213 30.04 -21.05 11.63
CA CYS B 213 31.12 -20.23 12.19
C CYS B 213 30.56 -18.81 12.13
N PRO B 214 29.83 -18.40 13.19
CA PRO B 214 29.22 -17.06 13.28
C PRO B 214 30.22 -15.93 13.40
N MET B 215 29.89 -14.82 12.75
CA MET B 215 30.71 -13.60 12.74
C MET B 215 29.74 -12.41 12.81
N GLY B 216 29.62 -11.79 13.97
CA GLY B 216 28.74 -10.65 14.10
C GLY B 216 29.47 -9.33 14.15
N PHE B 217 28.73 -8.24 14.01
CA PHE B 217 29.32 -6.93 14.05
C PHE B 217 28.21 -5.90 14.16
N SER B 218 28.51 -4.78 14.81
CA SER B 218 27.53 -3.73 14.93
C SER B 218 27.93 -2.66 13.94
N TYR B 219 26.94 -1.87 13.52
CA TYR B 219 27.14 -0.80 12.55
C TYR B 219 26.63 0.52 13.13
N ASP B 220 27.54 1.47 13.25
CA ASP B 220 27.19 2.77 13.78
C ASP B 220 27.17 3.83 12.69
N THR B 221 25.97 4.23 12.29
CA THR B 221 25.80 5.24 11.28
C THR B 221 26.10 6.58 11.93
N ARG B 222 26.87 7.43 11.26
CA ARG B 222 27.19 8.74 11.80
C ARG B 222 25.94 9.63 11.79
N CYS B 223 25.45 9.97 12.99
CA CYS B 223 24.27 10.82 13.11
C CYS B 223 23.21 10.37 12.10
N PHE B 224 22.56 9.24 12.40
CA PHE B 224 21.56 8.67 11.50
C PHE B 224 20.45 9.63 11.10
N ASP B 225 20.01 10.45 12.05
CA ASP B 225 18.94 11.38 11.77
C ASP B 225 19.26 12.33 10.61
N SER B 226 20.46 12.90 10.61
CA SER B 226 20.81 13.81 9.54
C SER B 226 21.05 13.12 8.19
N THR B 227 21.35 11.82 8.19
CA THR B 227 21.53 11.13 6.92
C THR B 227 20.20 10.76 6.25
N VAL B 228 19.09 10.92 6.95
CA VAL B 228 17.77 10.59 6.39
C VAL B 228 17.31 11.63 5.39
N THR B 229 17.21 11.22 4.13
CA THR B 229 16.78 12.08 3.02
C THR B 229 15.27 12.16 2.83
N GLU B 230 14.84 13.07 1.97
CA GLU B 230 13.42 13.22 1.70
C GLU B 230 12.95 11.93 1.02
N SER B 231 13.80 11.39 0.16
CA SER B 231 13.50 10.14 -0.54
C SER B 231 13.19 9.05 0.47
N ASP B 232 13.97 8.98 1.56
CA ASP B 232 13.74 7.97 2.60
C ASP B 232 12.38 8.13 3.30
N ILE B 233 12.07 9.36 3.69
CA ILE B 233 10.82 9.63 4.35
C ILE B 233 9.63 9.31 3.43
N ARG B 234 9.82 9.46 2.13
CA ARG B 234 8.75 9.15 1.19
C ARG B 234 8.67 7.64 0.96
N VAL B 235 9.80 6.95 1.07
CA VAL B 235 9.82 5.51 0.92
C VAL B 235 9.14 4.92 2.16
N GLU B 236 9.38 5.60 3.27
CA GLU B 236 8.84 5.23 4.56
C GLU B 236 7.32 5.36 4.52
N GLU B 237 6.84 6.46 3.96
CA GLU B 237 5.40 6.66 3.83
C GLU B 237 4.79 5.64 2.88
N SER B 238 5.47 5.35 1.77
CA SER B 238 4.93 4.39 0.81
C SER B 238 4.69 3.07 1.51
N ILE B 239 5.50 2.79 2.53
CA ILE B 239 5.36 1.56 3.31
C ILE B 239 4.11 1.62 4.22
N TYR B 240 3.96 2.74 4.95
CA TYR B 240 2.79 2.91 5.82
C TYR B 240 1.50 2.86 5.00
N GLN B 241 1.53 3.42 3.80
CA GLN B 241 0.33 3.43 2.98
C GLN B 241 -0.20 2.03 2.64
N CYS B 242 0.66 1.02 2.68
CA CYS B 242 0.19 -0.34 2.37
C CYS B 242 -0.78 -0.86 3.42
N CYS B 243 -0.89 -0.14 4.54
CA CYS B 243 -1.79 -0.54 5.60
C CYS B 243 -3.24 -0.26 5.21
N ASP B 244 -4.17 -0.98 5.82
CA ASP B 244 -5.58 -0.70 5.55
C ASP B 244 -5.80 0.47 6.49
N LEU B 245 -6.13 1.62 5.91
CA LEU B 245 -6.31 2.82 6.68
C LEU B 245 -7.60 3.58 6.43
N ALA B 246 -8.12 4.22 7.47
CA ALA B 246 -9.32 5.02 7.34
C ALA B 246 -8.92 6.18 6.41
N PRO B 247 -9.87 6.69 5.62
CA PRO B 247 -9.65 7.79 4.66
C PRO B 247 -8.88 8.94 5.30
N GLU B 248 -9.44 9.54 6.33
CA GLU B 248 -8.80 10.65 7.01
C GLU B 248 -7.42 10.29 7.57
N ALA B 249 -7.26 9.05 7.98
CA ALA B 249 -5.96 8.63 8.49
C ALA B 249 -4.95 8.64 7.33
N ARG B 250 -5.39 8.19 6.17
CA ARG B 250 -4.50 8.14 5.02
C ARG B 250 -4.09 9.55 4.63
N GLN B 251 -5.04 10.47 4.67
CA GLN B 251 -4.74 11.85 4.31
C GLN B 251 -3.84 12.45 5.40
N ALA B 252 -4.20 12.23 6.65
CA ALA B 252 -3.42 12.76 7.78
C ALA B 252 -1.97 12.35 7.59
N ILE B 253 -1.77 11.09 7.21
CA ILE B 253 -0.45 10.53 6.97
C ILE B 253 0.23 11.20 5.79
N ARG B 254 -0.52 11.40 4.71
CA ARG B 254 0.02 12.02 3.51
C ARG B 254 0.50 13.44 3.84
N SER B 255 -0.39 14.20 4.47
CA SER B 255 -0.09 15.57 4.85
C SER B 255 1.11 15.67 5.80
N LEU B 256 1.08 14.91 6.88
CA LEU B 256 2.18 14.94 7.85
C LEU B 256 3.53 14.64 7.18
N THR B 257 3.54 13.68 6.25
CA THR B 257 4.76 13.30 5.53
C THR B 257 5.35 14.50 4.79
N GLU B 258 4.47 15.25 4.14
CA GLU B 258 4.89 16.40 3.36
C GLU B 258 5.04 17.70 4.12
N ARG B 259 4.30 17.86 5.20
CA ARG B 259 4.33 19.10 5.98
C ARG B 259 5.20 19.05 7.23
N LEU B 260 5.59 17.86 7.64
CA LEU B 260 6.37 17.75 8.85
C LEU B 260 7.58 16.86 8.77
N TYR B 261 7.37 15.61 8.37
CA TYR B 261 8.44 14.63 8.31
C TYR B 261 9.58 14.89 7.35
N ILE B 262 9.30 15.28 6.11
CA ILE B 262 10.40 15.54 5.18
C ILE B 262 11.24 16.73 5.62
N GLY B 263 10.61 17.68 6.31
CA GLY B 263 11.33 18.85 6.75
C GLY B 263 10.41 19.99 7.13
N GLY B 264 11.00 21.13 7.50
CA GLY B 264 10.23 22.29 7.90
C GLY B 264 11.05 23.30 8.68
N PRO B 265 10.50 24.50 8.90
CA PRO B 265 11.17 25.58 9.63
C PRO B 265 11.52 25.25 11.08
N LEU B 266 12.69 25.70 11.50
CA LEU B 266 13.17 25.47 12.86
C LEU B 266 13.02 26.76 13.69
N THR B 267 12.34 26.67 14.82
CA THR B 267 12.16 27.84 15.69
C THR B 267 12.68 27.62 17.11
N ASN B 268 13.43 28.60 17.64
CA ASN B 268 13.98 28.50 18.99
C ASN B 268 12.96 28.84 20.08
N SER B 269 13.37 28.72 21.33
CA SER B 269 12.48 29.02 22.44
C SER B 269 11.96 30.47 22.44
N LYS B 270 12.72 31.38 21.86
CA LYS B 270 12.34 32.80 21.79
C LYS B 270 11.43 33.15 20.60
N GLY B 271 11.02 32.15 19.82
CA GLY B 271 10.14 32.42 18.70
C GLY B 271 10.85 32.92 17.45
N GLN B 272 12.16 32.70 17.41
CA GLN B 272 12.98 33.13 16.27
C GLN B 272 13.23 31.99 15.29
N ASN B 273 13.33 32.31 14.00
CA ASN B 273 13.58 31.31 12.97
C ASN B 273 15.05 30.94 12.98
N CYS B 274 15.35 29.71 13.38
CA CYS B 274 16.72 29.23 13.43
C CYS B 274 17.20 28.70 12.09
N GLY B 275 16.24 28.34 11.24
CA GLY B 275 16.61 27.80 9.95
C GLY B 275 15.65 26.78 9.40
N TYR B 276 16.17 25.82 8.66
CA TYR B 276 15.31 24.82 8.04
C TYR B 276 15.89 23.42 8.11
N ARG B 277 15.03 22.45 8.42
CA ARG B 277 15.40 21.03 8.51
C ARG B 277 14.91 20.25 7.28
N ARG B 278 15.79 19.40 6.72
CA ARG B 278 15.46 18.58 5.56
C ARG B 278 15.80 17.11 5.84
N CYS B 279 15.85 16.76 7.12
CA CYS B 279 16.16 15.39 7.52
C CYS B 279 15.25 15.01 8.67
N ARG B 280 15.45 13.81 9.21
CA ARG B 280 14.63 13.33 10.31
C ARG B 280 14.61 14.28 11.51
N ALA B 281 13.43 14.39 12.12
CA ALA B 281 13.25 15.22 13.30
C ALA B 281 13.19 14.19 14.40
N SER B 282 13.82 14.49 15.53
CA SER B 282 13.86 13.54 16.63
C SER B 282 12.59 13.45 17.49
N GLY B 283 11.83 14.53 17.53
CA GLY B 283 10.63 14.57 18.35
C GLY B 283 9.30 14.38 17.64
N VAL B 284 9.22 13.37 16.79
CA VAL B 284 7.98 13.06 16.10
C VAL B 284 7.64 11.60 16.36
N LEU B 285 6.36 11.23 16.19
CA LEU B 285 5.92 9.87 16.46
C LEU B 285 6.51 8.77 15.57
N THR B 286 6.89 9.12 14.33
CA THR B 286 7.46 8.16 13.40
C THR B 286 8.99 8.05 13.43
N THR B 287 9.65 8.82 14.29
CA THR B 287 11.11 8.77 14.38
C THR B 287 11.68 7.35 14.62
N SER B 288 11.15 6.67 15.64
CA SER B 288 11.62 5.34 15.98
C SER B 288 11.32 4.29 14.89
N CYS B 289 10.06 4.21 14.50
CA CYS B 289 9.61 3.26 13.49
C CYS B 289 10.27 3.56 12.14
N GLY B 290 10.39 4.84 11.81
CA GLY B 290 10.99 5.27 10.56
C GLY B 290 12.48 4.96 10.47
N ASN B 291 13.20 5.21 11.57
CA ASN B 291 14.63 4.92 11.59
C ASN B 291 14.85 3.41 11.53
N THR B 292 14.02 2.66 12.25
CA THR B 292 14.12 1.20 12.26
C THR B 292 13.98 0.66 10.84
N LEU B 293 12.88 1.02 10.18
CA LEU B 293 12.63 0.58 8.81
C LEU B 293 13.70 1.06 7.86
N THR B 294 14.08 2.33 7.97
CA THR B 294 15.10 2.89 7.08
C THR B 294 16.42 2.17 7.29
N CYS B 295 16.78 1.95 8.55
CA CYS B 295 18.02 1.25 8.87
C CYS B 295 17.94 -0.17 8.33
N TYR B 296 16.88 -0.86 8.69
CA TYR B 296 16.65 -2.22 8.26
C TYR B 296 16.73 -2.36 6.73
N LEU B 297 16.06 -1.46 6.02
CA LEU B 297 16.04 -1.46 4.56
C LEU B 297 17.43 -1.30 3.95
N LYS B 298 18.11 -0.22 4.30
CA LYS B 298 19.45 0.00 3.76
C LYS B 298 20.39 -1.13 4.15
N ALA B 299 20.22 -1.67 5.35
CA ALA B 299 21.09 -2.73 5.82
C ALA B 299 20.81 -4.09 5.20
N THR B 300 19.57 -4.37 4.84
CA THR B 300 19.28 -5.68 4.26
C THR B 300 19.73 -5.72 2.80
N ALA B 301 19.76 -4.56 2.16
CA ALA B 301 20.19 -4.46 0.78
C ALA B 301 21.72 -4.40 0.78
N ALA B 302 22.24 -3.72 1.78
CA ALA B 302 23.68 -3.59 1.93
C ALA B 302 24.31 -4.97 2.00
N CYS B 303 23.74 -5.85 2.82
CA CYS B 303 24.25 -7.21 2.96
C CYS B 303 24.34 -7.94 1.61
N ARG B 304 23.29 -7.86 0.81
CA ARG B 304 23.31 -8.52 -0.49
C ARG B 304 24.42 -7.99 -1.38
N ALA B 305 24.53 -6.67 -1.49
CA ALA B 305 25.58 -6.08 -2.32
C ALA B 305 26.98 -6.54 -1.91
N ALA B 306 27.16 -6.75 -0.61
CA ALA B 306 28.45 -7.17 -0.07
C ALA B 306 28.61 -8.69 -0.07
N LYS B 307 27.57 -9.38 -0.55
CA LYS B 307 27.53 -10.84 -0.63
C LYS B 307 27.72 -11.56 0.71
N LEU B 308 27.28 -10.93 1.80
CA LEU B 308 27.39 -11.53 3.12
C LEU B 308 26.44 -12.74 3.23
N GLN B 309 26.94 -13.85 3.76
CA GLN B 309 26.12 -15.05 3.89
C GLN B 309 25.26 -15.11 5.12
N ASP B 310 24.03 -15.60 4.93
CA ASP B 310 23.06 -15.74 6.02
C ASP B 310 23.16 -14.63 7.03
N CYS B 311 22.44 -13.55 6.77
CA CYS B 311 22.44 -12.42 7.67
C CYS B 311 21.17 -12.41 8.50
N THR B 312 21.33 -12.19 9.79
CA THR B 312 20.19 -12.08 10.68
C THR B 312 20.40 -10.69 11.26
N MET B 313 19.37 -9.84 11.19
CA MET B 313 19.45 -8.47 11.68
C MET B 313 18.69 -8.29 12.98
N LEU B 314 19.03 -7.22 13.68
CA LEU B 314 18.35 -6.88 14.91
C LEU B 314 18.50 -5.37 14.97
N VAL B 315 17.44 -4.67 14.55
CA VAL B 315 17.45 -3.22 14.52
C VAL B 315 16.60 -2.60 15.62
N ASN B 316 17.08 -1.46 16.11
CA ASN B 316 16.40 -0.67 17.14
C ASN B 316 16.70 0.76 16.73
N GLY B 317 15.75 1.41 16.08
CA GLY B 317 16.00 2.77 15.64
C GLY B 317 17.21 2.75 14.69
N ASP B 318 18.22 3.54 15.03
CA ASP B 318 19.43 3.62 14.20
C ASP B 318 20.44 2.55 14.60
N ASP B 319 20.13 1.83 15.67
CA ASP B 319 21.03 0.80 16.16
C ASP B 319 20.86 -0.50 15.38
N LEU B 320 21.96 -0.98 14.83
CA LEU B 320 21.92 -2.20 14.04
C LEU B 320 23.02 -3.20 14.39
N VAL B 321 22.63 -4.46 14.51
CA VAL B 321 23.61 -5.50 14.77
C VAL B 321 23.33 -6.57 13.72
N VAL B 322 24.39 -7.11 13.13
CA VAL B 322 24.27 -8.13 12.11
C VAL B 322 25.00 -9.39 12.55
N ILE B 323 24.61 -10.53 11.99
CA ILE B 323 25.26 -11.80 12.32
C ILE B 323 25.19 -12.65 11.07
N CYS B 324 26.29 -13.27 10.70
CA CYS B 324 26.29 -14.09 9.51
C CYS B 324 27.22 -15.29 9.58
N GLU B 325 27.47 -15.89 8.42
CA GLU B 325 28.33 -17.06 8.30
C GLU B 325 29.69 -16.56 7.85
N SER B 326 30.71 -16.79 8.67
CA SER B 326 32.05 -16.33 8.35
C SER B 326 32.54 -16.94 7.04
N ALA B 327 33.56 -16.33 6.45
CA ALA B 327 34.13 -16.81 5.19
C ALA B 327 35.65 -16.60 5.21
N GLY B 328 36.20 -16.44 6.41
CA GLY B 328 37.63 -16.23 6.53
C GLY B 328 37.98 -14.85 7.05
N THR B 329 38.96 -14.80 7.95
CA THR B 329 39.40 -13.53 8.54
C THR B 329 39.69 -12.46 7.49
N GLN B 330 40.16 -12.87 6.31
CA GLN B 330 40.47 -11.90 5.27
C GLN B 330 39.24 -11.67 4.42
N GLU B 331 38.58 -12.76 4.07
CA GLU B 331 37.38 -12.72 3.24
C GLU B 331 36.24 -11.96 3.89
N ASP B 332 36.32 -11.77 5.20
CA ASP B 332 35.27 -11.04 5.89
C ASP B 332 35.56 -9.54 5.94
N ALA B 333 36.81 -9.17 6.25
CA ALA B 333 37.21 -7.76 6.28
C ALA B 333 36.93 -7.11 4.91
N ALA B 334 36.91 -7.95 3.88
CA ALA B 334 36.65 -7.50 2.51
C ALA B 334 35.17 -7.19 2.29
N ALA B 335 34.30 -8.03 2.85
CA ALA B 335 32.87 -7.86 2.71
C ALA B 335 32.35 -6.76 3.64
N LEU B 336 32.83 -6.76 4.87
CA LEU B 336 32.40 -5.73 5.82
C LEU B 336 32.60 -4.36 5.17
N ARG B 337 33.79 -4.13 4.61
CA ARG B 337 34.06 -2.87 3.96
C ARG B 337 33.10 -2.74 2.78
N ALA B 338 32.93 -3.84 2.05
CA ALA B 338 32.03 -3.86 0.90
C ALA B 338 30.68 -3.35 1.39
N PHE B 339 30.28 -3.87 2.55
CA PHE B 339 29.02 -3.48 3.19
C PHE B 339 29.04 -1.97 3.46
N THR B 340 30.02 -1.53 4.23
CA THR B 340 30.10 -0.11 4.57
C THR B 340 29.99 0.80 3.36
N GLU B 341 30.66 0.42 2.28
CA GLU B 341 30.64 1.22 1.06
C GLU B 341 29.23 1.28 0.47
N ALA B 342 28.47 0.20 0.67
CA ALA B 342 27.09 0.12 0.20
C ALA B 342 26.21 1.03 1.06
N MET B 343 26.37 0.94 2.38
CA MET B 343 25.62 1.80 3.27
C MET B 343 25.86 3.25 2.91
N THR B 344 27.11 3.57 2.59
CA THR B 344 27.48 4.94 2.23
C THR B 344 26.73 5.48 1.02
N ARG B 345 26.48 4.63 0.03
CA ARG B 345 25.75 5.08 -1.17
C ARG B 345 24.27 5.31 -0.84
N TYR B 346 23.75 4.57 0.15
CA TYR B 346 22.35 4.70 0.56
C TYR B 346 22.17 5.85 1.55
N SER B 347 23.23 6.63 1.72
CA SER B 347 23.22 7.78 2.64
C SER B 347 23.27 7.38 4.10
N ALA B 348 24.14 6.43 4.42
CA ALA B 348 24.28 6.00 5.78
C ALA B 348 25.76 5.67 6.04
N PRO B 349 26.63 6.69 6.05
CA PRO B 349 28.06 6.51 6.28
C PRO B 349 28.28 6.12 7.75
N PRO B 350 29.41 5.48 8.04
CA PRO B 350 29.71 5.06 9.42
C PRO B 350 30.35 6.15 10.26
N GLY B 351 30.24 6.01 11.57
CA GLY B 351 30.85 6.96 12.49
C GLY B 351 32.19 6.31 12.78
N ASP B 352 32.14 5.20 13.52
CA ASP B 352 33.34 4.43 13.84
C ASP B 352 33.32 3.26 12.85
N PRO B 353 34.41 3.05 12.10
CA PRO B 353 34.33 1.92 11.17
C PRO B 353 33.89 0.67 11.92
N PRO B 354 33.13 -0.20 11.25
CA PRO B 354 32.65 -1.44 11.84
C PRO B 354 33.72 -2.52 11.76
N GLN B 355 33.89 -3.29 12.84
CA GLN B 355 34.90 -4.35 12.86
C GLN B 355 34.30 -5.69 13.26
N PRO B 356 34.55 -6.73 12.45
CA PRO B 356 34.02 -8.06 12.75
C PRO B 356 34.42 -8.57 14.15
N GLU B 357 33.53 -9.35 14.76
CA GLU B 357 33.75 -9.94 16.08
C GLU B 357 33.40 -11.42 15.97
N TYR B 358 34.12 -12.28 16.69
CA TYR B 358 33.86 -13.70 16.64
C TYR B 358 33.50 -14.22 18.02
N ASP B 359 33.51 -13.31 19.00
CA ASP B 359 33.15 -13.64 20.37
C ASP B 359 31.87 -12.82 20.62
N LEU B 360 30.74 -13.49 20.77
CA LEU B 360 29.47 -12.79 20.95
C LEU B 360 29.50 -11.72 22.06
N GLU B 361 30.28 -11.98 23.11
CA GLU B 361 30.42 -11.04 24.23
C GLU B 361 31.02 -9.70 23.81
N LEU B 362 31.85 -9.71 22.78
CA LEU B 362 32.53 -8.49 22.33
C LEU B 362 31.65 -7.56 21.51
N ILE B 363 30.52 -8.08 21.03
CA ILE B 363 29.57 -7.30 20.24
C ILE B 363 28.73 -6.39 21.14
N THR B 364 28.51 -5.15 20.73
CA THR B 364 27.69 -4.23 21.52
C THR B 364 26.67 -3.55 20.63
N SER B 365 25.41 -3.70 21.00
CA SER B 365 24.27 -3.13 20.30
C SER B 365 23.37 -2.53 21.37
N CYS B 366 22.80 -1.36 21.07
CA CYS B 366 21.93 -0.66 22.02
C CYS B 366 22.69 -0.38 23.31
N SER B 367 23.98 -0.06 23.16
CA SER B 367 24.85 0.23 24.30
C SER B 367 24.85 -0.99 25.26
N SER B 368 24.60 -2.17 24.71
CA SER B 368 24.54 -3.37 25.53
C SER B 368 25.31 -4.53 24.92
N ASN B 369 25.57 -5.54 25.73
CA ASN B 369 26.28 -6.73 25.27
C ASN B 369 25.76 -7.94 26.08
N VAL B 370 25.99 -9.13 25.55
CA VAL B 370 25.57 -10.36 26.21
C VAL B 370 26.72 -10.84 27.08
N SER B 371 26.40 -11.43 28.23
CA SER B 371 27.41 -11.95 29.14
C SER B 371 26.88 -13.19 29.89
N VAL B 372 27.62 -13.67 30.89
CA VAL B 372 27.18 -14.86 31.63
C VAL B 372 27.54 -14.89 33.12
N ALA B 373 26.61 -15.45 33.90
CA ALA B 373 26.79 -15.58 35.33
C ALA B 373 26.36 -16.99 35.71
N HIS B 374 26.06 -17.18 36.99
CA HIS B 374 25.62 -18.48 37.47
C HIS B 374 24.58 -18.31 38.56
N ASP B 375 23.52 -19.11 38.49
CA ASP B 375 22.46 -19.04 39.48
C ASP B 375 22.80 -19.88 40.70
N ALA B 376 21.75 -20.31 41.41
CA ALA B 376 21.90 -21.14 42.61
C ALA B 376 22.48 -22.52 42.29
N SER B 377 21.90 -23.22 41.32
CA SER B 377 22.38 -24.55 40.95
C SER B 377 23.72 -24.46 40.26
N GLY B 378 24.28 -23.25 40.27
CA GLY B 378 25.57 -23.01 39.65
C GLY B 378 25.51 -23.00 38.14
N LYS B 379 24.32 -23.24 37.58
CA LYS B 379 24.18 -23.25 36.12
C LYS B 379 24.44 -21.90 35.43
N ARG B 380 24.72 -21.97 34.13
CA ARG B 380 24.98 -20.77 33.32
C ARG B 380 23.70 -20.01 32.94
N VAL B 381 23.63 -18.75 33.36
CA VAL B 381 22.47 -17.92 33.05
C VAL B 381 22.91 -16.74 32.18
N TYR B 382 22.62 -16.81 30.89
CA TYR B 382 22.96 -15.71 29.97
C TYR B 382 22.17 -14.46 30.33
N TYR B 383 22.77 -13.28 30.17
CA TYR B 383 22.05 -12.05 30.49
C TYR B 383 22.58 -10.84 29.74
N LEU B 384 21.82 -9.74 29.81
CA LEU B 384 22.15 -8.50 29.14
C LEU B 384 22.69 -7.47 30.13
N THR B 385 23.84 -6.86 29.81
CA THR B 385 24.46 -5.85 30.65
C THR B 385 25.07 -4.74 29.80
N ARG B 386 25.85 -3.85 30.42
CA ARG B 386 26.48 -2.74 29.69
C ARG B 386 27.51 -2.04 30.56
N ASP B 387 28.35 -1.21 29.95
CA ASP B 387 29.31 -0.47 30.77
C ASP B 387 28.41 0.34 31.69
N PRO B 388 28.70 0.36 32.99
CA PRO B 388 27.86 1.12 33.92
C PRO B 388 28.21 2.60 34.13
N THR B 389 29.10 3.12 33.31
CA THR B 389 29.54 4.52 33.40
C THR B 389 28.44 5.58 33.29
N THR B 390 27.72 5.60 32.17
CA THR B 390 26.64 6.58 31.98
C THR B 390 25.54 6.32 33.01
N PRO B 391 24.96 5.12 33.02
CA PRO B 391 23.91 4.86 34.00
C PRO B 391 24.29 5.40 35.39
N LEU B 392 25.49 5.04 35.87
CA LEU B 392 25.92 5.51 37.19
C LEU B 392 26.07 7.03 37.26
N ALA B 393 26.58 7.65 36.20
CA ALA B 393 26.76 9.10 36.19
C ALA B 393 25.41 9.78 36.40
N ARG B 394 24.41 9.36 35.62
CA ARG B 394 23.06 9.93 35.71
C ARG B 394 22.45 9.59 37.07
N ALA B 395 22.83 8.43 37.61
CA ALA B 395 22.32 8.00 38.90
C ALA B 395 22.67 9.00 39.98
N ALA B 396 23.88 9.55 39.94
CA ALA B 396 24.31 10.51 40.95
C ALA B 396 23.54 11.79 40.79
N TRP B 397 23.27 12.12 39.52
CA TRP B 397 22.54 13.33 39.17
C TRP B 397 21.10 13.24 39.66
N GLU B 398 20.56 12.03 39.63
CA GLU B 398 19.18 11.78 40.06
C GLU B 398 19.05 11.87 41.58
N THR B 399 20.19 11.99 42.26
CA THR B 399 20.25 12.09 43.70
C THR B 399 20.57 13.53 44.08
N ALA B 400 21.51 14.12 43.35
CA ALA B 400 21.95 15.48 43.57
C ALA B 400 20.86 16.49 43.18
N ARG B 401 20.09 16.17 42.15
CA ARG B 401 19.01 17.06 41.69
C ARG B 401 17.68 16.31 41.46
N HIS B 402 16.63 17.09 41.20
CA HIS B 402 15.31 16.53 40.92
C HIS B 402 15.00 16.55 39.40
N THR B 403 14.53 15.42 38.87
CA THR B 403 14.21 15.32 37.46
C THR B 403 12.97 14.48 37.18
N PRO B 404 12.19 14.87 36.17
CA PRO B 404 10.95 14.22 35.72
C PRO B 404 11.06 12.70 35.66
N ILE B 405 11.92 12.22 34.75
CA ILE B 405 12.11 10.78 34.58
C ILE B 405 13.29 10.30 35.41
N ASN B 406 13.18 9.07 35.91
CA ASN B 406 14.21 8.47 36.74
C ASN B 406 14.94 7.36 36.00
N SER B 407 16.06 7.72 35.37
CA SER B 407 16.86 6.77 34.61
C SER B 407 17.49 5.68 35.49
N TRP B 408 17.56 5.91 36.79
CA TRP B 408 18.13 4.87 37.66
C TRP B 408 17.15 3.73 37.79
N LEU B 409 15.86 4.04 37.78
CA LEU B 409 14.88 2.98 37.90
C LEU B 409 14.87 2.14 36.63
N GLY B 410 14.59 2.79 35.50
CA GLY B 410 14.57 2.06 34.26
C GLY B 410 15.73 1.09 34.19
N ASN B 411 16.90 1.55 34.63
CA ASN B 411 18.08 0.71 34.61
C ASN B 411 17.99 -0.44 35.60
N ILE B 412 17.42 -0.20 36.79
CA ILE B 412 17.29 -1.29 37.76
C ILE B 412 16.36 -2.39 37.23
N ILE B 413 15.47 -2.04 36.31
CA ILE B 413 14.56 -3.04 35.74
C ILE B 413 15.22 -3.76 34.57
N MET B 414 15.65 -2.98 33.58
CA MET B 414 16.31 -3.56 32.40
C MET B 414 17.59 -4.33 32.72
N TYR B 415 18.33 -3.89 33.74
CA TYR B 415 19.57 -4.56 34.09
C TYR B 415 19.56 -5.23 35.45
N ALA B 416 18.37 -5.59 35.92
CA ALA B 416 18.17 -6.25 37.22
C ALA B 416 19.23 -7.31 37.58
N PRO B 417 19.57 -8.22 36.65
CA PRO B 417 20.57 -9.25 36.94
C PRO B 417 22.04 -8.75 37.08
N THR B 418 22.33 -7.60 36.49
CA THR B 418 23.70 -7.07 36.52
C THR B 418 24.32 -6.81 37.89
N LEU B 419 25.59 -7.19 38.01
CA LEU B 419 26.35 -7.01 39.22
C LEU B 419 26.22 -5.58 39.72
N TRP B 420 26.41 -4.62 38.82
CA TRP B 420 26.35 -3.19 39.16
C TRP B 420 24.99 -2.59 39.52
N ALA B 421 23.92 -3.06 38.92
CA ALA B 421 22.61 -2.51 39.22
C ALA B 421 22.22 -2.97 40.62
N ARG B 422 22.51 -4.22 40.91
CA ARG B 422 22.18 -4.83 42.21
C ARG B 422 23.02 -4.27 43.36
N MET B 423 24.33 -4.20 43.15
CA MET B 423 25.23 -3.69 44.16
C MET B 423 25.13 -2.20 44.45
N ILE B 424 25.05 -1.41 43.38
CA ILE B 424 25.03 0.04 43.54
C ILE B 424 23.66 0.72 43.40
N LEU B 425 23.00 0.52 42.25
CA LEU B 425 21.71 1.15 42.03
C LEU B 425 20.61 0.77 43.00
N MET B 426 20.34 -0.53 43.11
CA MET B 426 19.31 -0.97 44.03
C MET B 426 19.62 -0.47 45.44
N THR B 427 20.90 -0.45 45.79
CA THR B 427 21.32 -0.02 47.11
C THR B 427 21.18 1.49 47.32
N HIS B 428 21.94 2.27 46.57
CA HIS B 428 21.90 3.72 46.70
C HIS B 428 20.50 4.35 46.70
N PHE B 429 19.57 3.80 45.92
CA PHE B 429 18.23 4.37 45.89
C PHE B 429 17.24 3.80 46.91
N PHE B 430 17.23 2.49 47.10
CA PHE B 430 16.31 1.92 48.08
C PHE B 430 16.58 2.56 49.42
N SER B 431 17.85 2.76 49.75
CA SER B 431 18.21 3.37 51.02
C SER B 431 17.66 4.78 51.09
N ILE B 432 17.73 5.50 49.98
CA ILE B 432 17.25 6.88 49.94
C ILE B 432 15.74 6.94 50.09
N LEU B 433 15.03 5.98 49.49
CA LEU B 433 13.57 6.01 49.59
C LEU B 433 13.12 5.61 50.98
N LEU B 434 14.07 5.35 51.86
CA LEU B 434 13.74 5.00 53.24
C LEU B 434 13.91 6.22 54.12
N ALA B 435 15.09 6.82 54.07
CA ALA B 435 15.40 8.00 54.88
C ALA B 435 14.38 9.11 54.66
N GLN B 436 13.62 8.99 53.57
CA GLN B 436 12.63 10.00 53.23
C GLN B 436 11.20 9.47 53.28
N GLU B 437 11.05 8.17 53.49
CA GLU B 437 9.73 7.55 53.54
C GLU B 437 8.92 7.87 52.28
N GLN B 438 9.35 7.31 51.16
CA GLN B 438 8.68 7.52 49.89
C GLN B 438 8.82 6.25 49.06
N LEU B 439 8.54 5.11 49.70
CA LEU B 439 8.63 3.81 49.04
C LEU B 439 7.33 3.50 48.30
N GLU B 440 6.26 4.19 48.70
CA GLU B 440 4.93 4.01 48.09
C GLU B 440 4.76 4.84 46.82
N LYS B 441 5.26 6.07 46.83
CA LYS B 441 5.14 6.96 45.67
C LYS B 441 5.71 6.31 44.42
N ALA B 442 4.87 6.21 43.39
CA ALA B 442 5.29 5.64 42.11
C ALA B 442 6.12 6.69 41.38
N LEU B 443 7.14 6.23 40.65
CA LEU B 443 8.03 7.13 39.90
C LEU B 443 7.92 6.88 38.40
N ASP B 444 8.14 7.94 37.62
CA ASP B 444 8.08 7.83 36.17
C ASP B 444 9.45 7.53 35.58
N CYS B 445 9.52 6.50 34.76
CA CYS B 445 10.77 6.14 34.11
C CYS B 445 10.48 5.77 32.63
N GLN B 446 11.52 5.48 31.86
CA GLN B 446 11.30 5.13 30.46
C GLN B 446 11.80 3.75 30.03
N ILE B 447 10.99 3.11 29.19
CA ILE B 447 11.27 1.79 28.62
C ILE B 447 11.00 1.90 27.13
N TYR B 448 12.07 1.87 26.35
CA TYR B 448 12.03 2.00 24.89
C TYR B 448 11.43 3.34 24.46
N GLY B 449 11.73 4.37 25.24
CA GLY B 449 11.27 5.72 24.93
C GLY B 449 9.95 6.14 25.50
N ALA B 450 9.13 5.16 25.90
CA ALA B 450 7.81 5.39 26.47
C ALA B 450 7.88 5.59 27.98
N CYS B 451 7.11 6.55 28.46
CA CYS B 451 7.09 6.88 29.87
C CYS B 451 6.21 5.94 30.70
N TYR B 452 6.77 5.43 31.78
CA TYR B 452 6.05 4.52 32.67
C TYR B 452 6.08 5.00 34.11
N SER B 453 4.93 4.84 34.78
CA SER B 453 4.76 5.22 36.17
C SER B 453 4.75 3.92 36.95
N ILE B 454 5.76 3.68 37.79
CA ILE B 454 5.87 2.44 38.56
C ILE B 454 6.15 2.63 40.06
N GLU B 455 5.82 1.60 40.84
CA GLU B 455 6.04 1.61 42.28
C GLU B 455 7.33 0.86 42.60
N PRO B 456 8.32 1.55 43.20
CA PRO B 456 9.60 0.93 43.54
C PRO B 456 9.42 -0.41 44.27
N LEU B 457 8.34 -0.51 45.04
CA LEU B 457 8.06 -1.71 45.83
C LEU B 457 7.60 -2.93 45.01
N ASP B 458 7.33 -2.75 43.73
CA ASP B 458 6.91 -3.89 42.92
C ASP B 458 8.07 -4.51 42.16
N LEU B 459 9.26 -3.91 42.31
CA LEU B 459 10.45 -4.39 41.62
C LEU B 459 10.68 -5.89 41.75
N PRO B 460 10.32 -6.47 42.91
CA PRO B 460 10.54 -7.91 43.02
C PRO B 460 9.75 -8.72 42.01
N GLN B 461 8.47 -8.38 41.87
CA GLN B 461 7.59 -9.10 40.95
C GLN B 461 8.04 -8.86 39.52
N ILE B 462 8.19 -7.58 39.18
CA ILE B 462 8.62 -7.17 37.85
C ILE B 462 9.90 -7.89 37.40
N ILE B 463 10.95 -7.76 38.22
CA ILE B 463 12.25 -8.37 37.92
C ILE B 463 12.19 -9.86 37.69
N GLU B 464 11.36 -10.54 38.48
CA GLU B 464 11.20 -11.99 38.35
C GLU B 464 10.64 -12.27 36.95
N ARG B 465 9.53 -11.61 36.63
CA ARG B 465 8.84 -11.76 35.35
C ARG B 465 9.75 -11.55 34.13
N LEU B 466 10.45 -10.42 34.12
CA LEU B 466 11.36 -10.09 33.01
C LEU B 466 12.56 -11.00 32.90
N HIS B 467 13.20 -11.27 34.03
CA HIS B 467 14.41 -12.05 34.03
C HIS B 467 14.37 -13.46 34.61
N GLY B 468 13.55 -13.65 35.64
CA GLY B 468 13.46 -14.97 36.28
C GLY B 468 14.18 -14.92 37.63
N LEU B 469 13.80 -15.83 38.53
CA LEU B 469 14.40 -15.86 39.86
C LEU B 469 15.90 -15.73 39.90
N SER B 470 16.59 -16.41 38.98
CA SER B 470 18.05 -16.35 38.90
C SER B 470 18.58 -14.92 39.08
N ALA B 471 17.84 -13.93 38.60
CA ALA B 471 18.25 -12.53 38.73
C ALA B 471 18.53 -12.11 40.17
N PHE B 472 18.24 -12.99 41.12
CA PHE B 472 18.46 -12.69 42.54
C PHE B 472 19.63 -13.47 43.13
N THR B 473 19.91 -14.62 42.53
CA THR B 473 20.99 -15.50 42.99
C THR B 473 22.14 -15.64 41.99
N LEU B 474 22.42 -14.60 41.21
CA LEU B 474 23.50 -14.70 40.26
C LEU B 474 24.84 -14.45 40.94
N HIS B 475 25.89 -14.93 40.31
CA HIS B 475 27.24 -14.79 40.84
C HIS B 475 28.23 -15.34 39.82
N SER B 476 29.51 -15.29 40.16
CA SER B 476 30.54 -15.78 39.27
C SER B 476 30.50 -15.10 37.91
N TYR B 477 30.39 -13.77 37.90
CA TYR B 477 30.37 -13.03 36.64
C TYR B 477 31.69 -13.26 35.89
N SER B 478 31.70 -13.04 34.58
CA SER B 478 32.95 -13.23 33.81
C SER B 478 34.00 -12.19 34.18
N PRO B 479 35.27 -12.45 33.82
CA PRO B 479 36.37 -11.52 34.11
C PRO B 479 36.19 -10.18 33.42
N GLY B 480 35.82 -10.23 32.13
CA GLY B 480 35.63 -9.01 31.38
C GLY B 480 34.66 -8.09 32.08
N GLU B 481 33.55 -8.68 32.56
CA GLU B 481 32.49 -7.95 33.26
C GLU B 481 32.97 -7.36 34.58
N ILE B 482 33.54 -8.20 35.45
CA ILE B 482 34.04 -7.73 36.74
C ILE B 482 35.06 -6.63 36.47
N ASN B 483 35.91 -6.86 35.47
CA ASN B 483 36.94 -5.87 35.14
C ASN B 483 36.36 -4.55 34.70
N ARG B 484 35.35 -4.60 33.82
CA ARG B 484 34.71 -3.37 33.35
C ARG B 484 34.09 -2.55 34.49
N VAL B 485 33.45 -3.22 35.44
CA VAL B 485 32.86 -2.48 36.54
C VAL B 485 33.97 -1.80 37.38
N ALA B 486 34.96 -2.57 37.82
CA ALA B 486 36.03 -2.01 38.65
C ALA B 486 36.58 -0.71 38.07
N SER B 487 37.03 -0.77 36.82
CA SER B 487 37.61 0.40 36.15
C SER B 487 36.68 1.61 36.25
N CYS B 488 35.39 1.34 36.22
CA CYS B 488 34.38 2.38 36.31
C CYS B 488 34.23 2.87 37.74
N LEU B 489 34.24 1.94 38.69
CA LEU B 489 34.11 2.35 40.08
C LEU B 489 35.29 3.24 40.42
N ARG B 490 36.46 2.89 39.87
CA ARG B 490 37.67 3.67 40.08
C ARG B 490 37.56 5.02 39.41
N LYS B 491 37.24 5.00 38.12
CA LYS B 491 37.11 6.22 37.35
C LYS B 491 36.11 7.22 37.93
N LEU B 492 34.99 6.75 38.47
CA LEU B 492 33.97 7.64 39.03
C LEU B 492 34.17 7.93 40.51
N GLY B 493 34.91 7.04 41.17
CA GLY B 493 35.17 7.21 42.58
C GLY B 493 34.10 6.60 43.43
N VAL B 494 33.55 5.47 42.98
CA VAL B 494 32.49 4.78 43.70
C VAL B 494 33.03 3.82 44.76
N PRO B 495 32.35 3.76 45.93
CA PRO B 495 32.77 2.87 47.02
C PRO B 495 32.88 1.42 46.53
N PRO B 496 33.73 0.63 47.20
CA PRO B 496 33.99 -0.78 46.90
C PRO B 496 32.89 -1.65 47.47
N LEU B 497 32.84 -2.90 46.99
CA LEU B 497 31.85 -3.87 47.44
C LEU B 497 31.59 -3.79 48.94
N ARG B 498 32.68 -3.80 49.71
CA ARG B 498 32.57 -3.72 51.17
C ARG B 498 31.59 -2.63 51.63
N THR B 499 31.79 -1.40 51.18
CA THR B 499 30.90 -0.32 51.59
C THR B 499 29.45 -0.54 51.16
N TRP B 500 29.24 -1.21 50.03
CA TRP B 500 27.87 -1.43 49.57
C TRP B 500 27.21 -2.60 50.32
N ARG B 501 27.99 -3.64 50.56
CA ARG B 501 27.48 -4.81 51.27
C ARG B 501 27.08 -4.40 52.69
N HIS B 502 27.63 -3.26 53.15
CA HIS B 502 27.34 -2.75 54.49
C HIS B 502 26.04 -1.97 54.43
N ARG B 503 25.93 -1.09 53.43
CA ARG B 503 24.73 -0.29 53.25
C ARG B 503 23.51 -1.14 52.89
N ALA B 504 23.75 -2.25 52.18
CA ALA B 504 22.68 -3.14 51.73
C ALA B 504 22.07 -3.90 52.91
N ARG B 505 22.93 -4.28 53.84
CA ARG B 505 22.48 -4.99 55.02
C ARG B 505 21.60 -4.08 55.87
N SER B 506 22.07 -2.86 56.13
CA SER B 506 21.27 -1.93 56.94
C SER B 506 19.93 -1.57 56.31
N VAL B 507 19.88 -1.47 54.98
CA VAL B 507 18.64 -1.12 54.33
C VAL B 507 17.75 -2.36 54.27
N ARG B 508 18.40 -3.52 54.15
CA ARG B 508 17.69 -4.78 54.10
C ARG B 508 17.05 -5.07 55.46
N ALA B 509 17.82 -4.84 56.52
CA ALA B 509 17.34 -5.06 57.88
C ALA B 509 16.12 -4.17 58.12
N LYS B 510 16.23 -2.91 57.72
CA LYS B 510 15.13 -1.97 57.88
C LYS B 510 13.91 -2.32 57.00
N LEU B 511 14.15 -3.02 55.88
CA LEU B 511 13.05 -3.39 54.99
C LEU B 511 12.29 -4.61 55.49
N LEU B 512 13.00 -5.58 56.06
CA LEU B 512 12.35 -6.79 56.55
C LEU B 512 11.49 -6.52 57.80
N SER B 513 11.74 -5.39 58.45
CA SER B 513 11.00 -5.01 59.67
C SER B 513 9.78 -4.19 59.25
N GLN B 514 9.52 -4.14 57.96
CA GLN B 514 8.36 -3.38 57.49
C GLN B 514 7.27 -4.36 57.07
N GLY B 515 7.70 -5.53 56.61
CA GLY B 515 6.78 -6.56 56.17
C GLY B 515 6.07 -6.17 54.88
N GLY B 516 5.70 -7.18 54.07
CA GLY B 516 5.01 -6.90 52.84
C GLY B 516 5.92 -6.75 51.64
N ARG B 517 5.56 -5.87 50.72
CA ARG B 517 6.40 -5.64 49.55
C ARG B 517 7.76 -5.18 50.05
N ALA B 518 7.75 -4.14 50.89
CA ALA B 518 8.97 -3.62 51.48
C ALA B 518 9.80 -4.79 52.00
N ALA B 519 9.14 -5.77 52.59
CA ALA B 519 9.84 -6.95 53.12
C ALA B 519 10.30 -7.92 52.02
N THR B 520 9.48 -8.16 51.02
CA THR B 520 9.88 -9.07 49.96
C THR B 520 11.10 -8.50 49.23
N CYS B 521 11.10 -7.19 48.98
CA CYS B 521 12.21 -6.54 48.29
C CYS B 521 13.54 -6.92 48.95
N GLY B 522 13.76 -6.40 50.16
CA GLY B 522 14.98 -6.71 50.90
C GLY B 522 15.25 -8.21 50.96
N ARG B 523 14.19 -9.02 50.86
CA ARG B 523 14.38 -10.45 50.91
C ARG B 523 14.98 -10.97 49.59
N TYR B 524 14.33 -10.64 48.48
CA TYR B 524 14.79 -11.08 47.16
C TYR B 524 15.89 -10.19 46.58
N LEU B 525 15.67 -8.88 46.59
CA LEU B 525 16.67 -7.95 46.06
C LEU B 525 18.04 -8.18 46.71
N PHE B 526 18.27 -7.49 47.82
CA PHE B 526 19.51 -7.54 48.57
C PHE B 526 19.86 -8.84 49.28
N ASN B 527 19.71 -9.98 48.61
CA ASN B 527 20.05 -11.27 49.23
C ASN B 527 21.53 -11.60 49.03
N TRP B 528 22.17 -10.86 48.13
CA TRP B 528 23.59 -11.01 47.84
C TRP B 528 24.45 -10.39 48.95
N ALA B 529 23.82 -9.56 49.79
CA ALA B 529 24.49 -8.84 50.88
C ALA B 529 24.56 -9.55 52.22
N VAL B 530 24.03 -10.77 52.29
CA VAL B 530 24.04 -11.53 53.54
C VAL B 530 24.89 -12.78 53.44
N ARG B 531 25.64 -13.04 54.50
CA ARG B 531 26.55 -14.18 54.58
C ARG B 531 25.85 -15.54 54.51
N THR B 532 24.68 -15.65 55.13
CA THR B 532 23.91 -16.90 55.12
C THR B 532 22.66 -16.75 54.23
N LYS B 533 22.87 -16.83 52.91
CA LYS B 533 21.78 -16.69 51.95
C LYS B 533 20.49 -17.35 52.40
N LEU B 534 19.40 -16.94 51.77
CA LEU B 534 18.06 -17.48 52.03
C LEU B 534 17.67 -18.21 50.74
N LYS B 535 16.50 -18.84 50.74
CA LYS B 535 16.02 -19.54 49.56
C LYS B 535 14.81 -18.79 49.04
N LEU B 536 14.88 -18.43 47.77
CA LEU B 536 13.82 -17.67 47.12
C LEU B 536 12.90 -18.66 46.39
N THR B 537 11.66 -18.26 46.18
CA THR B 537 10.68 -19.10 45.49
C THR B 537 9.87 -18.17 44.56
N PRO B 538 9.39 -18.72 43.43
CA PRO B 538 8.61 -17.97 42.45
C PRO B 538 7.53 -17.03 43.00
N ILE B 539 7.93 -15.89 43.59
CA ILE B 539 6.96 -14.91 44.15
C ILE B 539 5.59 -15.08 43.52
N PRO B 540 4.52 -15.01 44.33
CA PRO B 540 3.12 -15.13 43.90
C PRO B 540 2.68 -14.18 42.80
N ALA B 541 2.89 -12.88 43.03
CA ALA B 541 2.51 -11.85 42.08
C ALA B 541 3.26 -11.90 40.73
N ALA B 542 4.20 -12.84 40.60
CA ALA B 542 4.98 -12.99 39.35
C ALA B 542 4.16 -13.55 38.19
N SER B 543 3.34 -14.57 38.44
CA SER B 543 2.51 -15.16 37.39
C SER B 543 1.43 -14.16 36.98
N GLN B 544 0.99 -13.36 37.95
CA GLN B 544 -0.03 -12.34 37.71
C GLN B 544 0.65 -11.03 37.38
N LEU B 545 1.24 -10.95 36.19
CA LEU B 545 1.92 -9.72 35.78
C LEU B 545 1.95 -9.57 34.29
N ASP B 546 1.30 -8.52 33.80
CA ASP B 546 1.24 -8.24 32.36
C ASP B 546 2.22 -7.13 31.98
N LEU B 547 3.44 -7.51 31.61
CA LEU B 547 4.44 -6.52 31.21
C LEU B 547 4.67 -6.57 29.69
N SER B 548 3.84 -7.38 29.01
CA SER B 548 3.93 -7.52 27.56
C SER B 548 3.95 -6.17 26.87
N GLY B 549 3.01 -5.32 27.29
CA GLY B 549 2.88 -3.99 26.71
C GLY B 549 4.15 -3.17 26.75
N TRP B 550 5.06 -3.56 27.63
CA TRP B 550 6.33 -2.87 27.80
C TRP B 550 7.31 -3.04 26.63
N PHE B 551 7.30 -4.23 26.05
CA PHE B 551 8.20 -4.57 24.96
C PHE B 551 7.47 -4.95 23.66
N VAL B 552 6.86 -3.93 23.06
CA VAL B 552 6.09 -4.03 21.82
C VAL B 552 6.77 -3.26 20.67
N ALA B 553 7.02 -1.97 20.89
CA ALA B 553 7.66 -1.13 19.89
C ALA B 553 8.42 0.04 20.53
N GLY B 554 9.24 0.72 19.72
CA GLY B 554 10.00 1.86 20.19
C GLY B 554 9.21 3.16 20.05
N TYR B 555 9.29 4.02 21.07
CA TYR B 555 8.58 5.29 21.09
C TYR B 555 9.45 6.49 21.49
N SER B 556 10.77 6.35 21.34
CA SER B 556 11.70 7.41 21.69
C SER B 556 11.46 8.63 20.82
N GLY B 557 11.20 9.75 21.46
CA GLY B 557 10.91 10.99 20.76
C GLY B 557 9.45 11.06 20.36
N GLY B 558 8.69 10.04 20.73
CA GLY B 558 7.28 9.98 20.40
C GLY B 558 6.27 10.65 21.31
N ASP B 559 6.68 11.18 22.46
CA ASP B 559 5.74 11.83 23.36
C ASP B 559 4.65 10.82 23.75
N ILE B 560 5.07 9.60 24.10
CA ILE B 560 4.17 8.53 24.46
C ILE B 560 4.21 8.24 25.96
N TYR B 561 3.03 7.98 26.53
CA TYR B 561 2.85 7.70 27.94
C TYR B 561 1.96 6.49 28.09
N HIS B 562 2.52 5.43 28.64
CA HIS B 562 1.76 4.20 28.81
C HIS B 562 1.39 3.98 30.27
N SER B 563 0.09 3.86 30.53
CA SER B 563 -0.41 3.62 31.88
C SER B 563 -1.75 2.94 31.77
C1 1JL C . -19.45 -20.32 -46.14
C2 1JL C . -19.11 -19.15 -45.43
C3 1JL C . -17.86 -19.08 -44.75
C4 1JL C . -16.96 -20.18 -44.79
C5 1JL C . -17.29 -21.35 -45.50
C6 1JL C . -18.55 -21.41 -46.17
S7 1JL C . -18.97 -22.88 -47.07
O8 1JL C . -17.72 -23.47 -47.55
O9 1JL C . -19.97 -22.46 -48.07
N10 1JL C . -19.73 -23.98 -45.90
C11 1JL C . -20.78 -23.60 -44.90
C12 1JL C . -20.69 -24.05 -43.51
C13 1JL C . -21.69 -23.70 -42.56
C14 1JL C . -22.80 -22.94 -42.94
C15 1JL C . -22.93 -22.48 -44.28
C16 1JL C . -21.93 -22.82 -45.27
C17 1JL C . -19.56 -24.85 -43.06
O18 1JL C . -18.41 -24.76 -43.49
O19 1JL C . -19.89 -25.74 -42.09
O20 1JL C . -24.02 -21.73 -44.69
C21 1JL C . -24.89 -21.06 -43.76
C22 1JL C . -24.65 -19.75 -43.27
C23 1JL C . -25.58 -19.17 -42.34
C24 1JL C . -26.72 -19.88 -41.91
C25 1JL C . -26.96 -21.19 -42.40
C26 1JL C . -26.05 -21.79 -43.32
C27 1JL C . -17.50 -17.83 -43.99
#